data_3GCL
#
_entry.id   3GCL
#
_cell.length_a   54.660
_cell.length_b   80.520
_cell.length_c   77.970
_cell.angle_alpha   90.00
_cell.angle_beta   102.65
_cell.angle_gamma   90.00
#
_symmetry.space_group_name_H-M   'P 1 21 1'
#
loop_
_entity.id
_entity.type
_entity.pdbx_description
1 polymer Lactoperoxidase
2 branched alpha-D-mannopyranose-(1-4)-2-acetamido-2-deoxy-beta-D-glucopyranose-(1-4)-2-acetamido-2-deoxy-beta-D-glucopyranose
3 branched 2-acetamido-2-deoxy-beta-D-glucopyranose-(1-4)-2-acetamido-2-deoxy-beta-D-glucopyranose
4 non-polymer 'PROTOPORPHYRIN IX CONTAINING FE'
5 non-polymer 'CALCIUM ION'
6 non-polymer 'THIOCYANATE ION'
7 non-polymer '2-(ACETYLOXY)BENZOIC ACID'
8 non-polymer 'IODIDE ION'
9 water water
#
_entity_poly.entity_id   1
_entity_poly.type   'polypeptide(L)'
_entity_poly.pdbx_seq_one_letter_code
;SWEVGCGAPVPLVKCDENSPYRTITGDCNNRRSPALGAANRALARWLPAEYEDGLALPFGWTQRKTRNGFRVPLAREVSN
KIVGYLDEEGVLDQNRSLLFMQWGQIVDHDLDFAPETELGSNEHSKTQCEEYCIQGDNCFPIMFPKNDPKLKTQGKCMPF
FRAGFVCPTPPYQSLAREQINAVTSFLDASLVYGSEP(SEP)LASRLRNLSSPLGLMAVNQEAWDHGLAYLPFNNKKPSP
CEFINTTARVPCFLAGDFRASEQILLATAHTLLLREHNRLARELKKLNPHWNGEKLYQEARKILGAFIQIITFRDYLPIV
LGSEMQKWIPPYQGYNNSVDPRISNVFTFAFRFGHMEVPSTVSRLDENYQPWGPEAELPLHTLFFNTWRIIKDGGIDPLV
RGLLAKKSKLMNQDKMVTSELRNKLFQPTHKIHGFDLAAINLQRCRDHGMPGYNSWRGFCGLSQPKTLKGLQTVLKNKIL
AKKLMDLYKTPDNIDIWIGGNAEPMVERGRVGPLLACLLGRQFQQIRDGDRFWWENPGVFTEKQRDSLQKVSFSRLICDN
THITKVPLHAFQANNYPHDFVDCSTVDKLDLSPWASREN
;
_entity_poly.pdbx_strand_id   A
#
loop_
_chem_comp.id
_chem_comp.type
_chem_comp.name
_chem_comp.formula
AIN non-polymer '2-(ACETYLOXY)BENZOIC ACID' 'C9 H8 O4'
CA non-polymer 'CALCIUM ION' 'Ca 2'
HEM non-polymer 'PROTOPORPHYRIN IX CONTAINING FE' 'C34 H32 Fe N4 O4'
IOD non-polymer 'IODIDE ION' 'I -1'
MAN D-saccharide, alpha linking alpha-D-mannopyranose 'C6 H12 O6'
NAG D-saccharide, beta linking 2-acetamido-2-deoxy-beta-D-glucopyranose 'C8 H15 N O6'
SCN non-polymer 'THIOCYANATE ION' 'C N S -1'
#
# COMPACT_ATOMS: atom_id res chain seq x y z
N SER A 1 1.09 25.87 23.72
CA SER A 1 -0.36 25.61 23.96
C SER A 1 -0.90 24.51 23.04
N TRP A 2 -0.85 23.27 23.52
CA TRP A 2 -1.32 22.10 22.77
C TRP A 2 -2.83 22.06 22.62
N GLU A 3 -3.29 21.09 21.85
CA GLU A 3 -4.70 20.86 21.64
C GLU A 3 -4.91 19.41 21.24
N VAL A 4 -5.03 18.55 22.24
CA VAL A 4 -5.25 17.14 21.98
C VAL A 4 -6.61 16.73 22.54
N GLY A 5 -7.54 17.68 22.53
CA GLY A 5 -8.88 17.41 22.99
C GLY A 5 -9.63 16.72 21.86
N CYS A 6 -9.88 17.48 20.77
CA CYS A 6 -10.58 17.00 19.56
C CYS A 6 -10.42 15.51 19.37
N GLY A 7 -11.53 14.87 19.22
CA GLY A 7 -11.53 13.48 19.05
C GLY A 7 -12.85 13.12 19.62
N ALA A 8 -13.47 12.15 18.97
CA ALA A 8 -14.78 11.60 19.34
C ALA A 8 -15.10 10.61 18.23
N PRO A 9 -14.90 11.13 17.01
CA PRO A 9 -15.03 10.29 15.75
C PRO A 9 -14.11 9.08 15.64
N VAL A 10 -13.95 8.32 16.69
CA VAL A 10 -12.94 7.25 16.73
C VAL A 10 -13.47 6.17 17.58
N PRO A 11 -13.68 4.98 17.05
CA PRO A 11 -14.27 3.94 17.89
C PRO A 11 -13.34 3.66 19.07
N LEU A 12 -13.76 4.00 20.28
CA LEU A 12 -12.92 3.77 21.46
C LEU A 12 -13.55 2.68 22.31
N VAL A 13 -12.78 2.17 23.26
CA VAL A 13 -13.21 1.09 24.18
C VAL A 13 -12.16 0.93 25.24
N LYS A 14 -12.50 0.17 26.25
CA LYS A 14 -11.58 -0.07 27.37
C LYS A 14 -10.42 -1.00 26.95
N CYS A 15 -9.37 -1.06 27.76
CA CYS A 15 -8.21 -1.91 27.46
C CYS A 15 -8.17 -3.12 28.39
N ASP A 16 -7.47 -4.17 27.97
CA ASP A 16 -7.36 -5.40 28.75
C ASP A 16 -6.11 -5.48 29.64
N GLU A 17 -5.03 -4.86 29.18
CA GLU A 17 -3.78 -4.76 29.94
C GLU A 17 -2.97 -5.97 30.40
N ASN A 18 -3.18 -7.13 29.81
CA ASN A 18 -2.41 -8.32 30.17
C ASN A 18 -2.88 -9.38 29.20
N SER A 19 -3.58 -8.87 28.19
CA SER A 19 -4.11 -9.65 27.09
C SER A 19 -2.94 -9.90 26.16
N PRO A 20 -2.84 -11.11 25.58
CA PRO A 20 -1.74 -11.44 24.68
C PRO A 20 -1.97 -11.06 23.22
N TYR A 21 -3.18 -10.62 22.89
CA TYR A 21 -3.48 -10.28 21.52
C TYR A 21 -3.76 -8.81 21.24
N ARG A 22 -3.31 -8.35 20.06
CA ARG A 22 -3.52 -6.96 19.64
C ARG A 22 -5.02 -6.79 19.51
N THR A 23 -5.49 -5.55 19.60
CA THR A 23 -6.91 -5.29 19.42
C THR A 23 -7.04 -5.14 17.92
N ILE A 24 -8.27 -5.09 17.41
CA ILE A 24 -8.48 -4.93 15.99
C ILE A 24 -8.20 -3.49 15.55
N THR A 25 -8.48 -2.55 16.44
CA THR A 25 -8.31 -1.14 16.17
C THR A 25 -6.90 -0.63 16.40
N GLY A 26 -6.09 -1.43 17.10
CA GLY A 26 -4.72 -1.00 17.36
C GLY A 26 -4.60 -0.30 18.69
N ASP A 27 -5.73 -0.04 19.32
CA ASP A 27 -5.77 0.61 20.63
C ASP A 27 -5.07 -0.29 21.65
N CYS A 28 -4.62 0.33 22.74
CA CYS A 28 -3.96 -0.39 23.83
C CYS A 28 -2.59 -0.99 23.56
N ASN A 29 -1.98 -0.65 22.43
CA ASN A 29 -0.65 -1.17 22.15
C ASN A 29 0.25 -0.47 23.17
N ASN A 30 0.10 0.84 23.23
CA ASN A 30 0.85 1.69 24.15
C ASN A 30 -0.01 1.89 25.39
N ARG A 31 0.50 1.43 26.54
CA ARG A 31 -0.23 1.54 27.81
C ARG A 31 -0.42 2.95 28.33
N ARG A 32 0.64 3.76 28.30
CA ARG A 32 0.56 5.14 28.80
C ARG A 32 -0.27 6.06 27.90
N SER A 33 -0.32 5.76 26.61
CA SER A 33 -1.09 6.56 25.65
C SER A 33 -1.81 5.59 24.70
N PRO A 34 -2.91 4.97 25.18
CA PRO A 34 -3.81 4.00 24.55
C PRO A 34 -4.28 4.14 23.11
N ALA A 35 -4.41 5.34 22.59
CA ALA A 35 -4.88 5.49 21.22
C ALA A 35 -3.77 5.65 20.17
N LEU A 36 -2.52 5.65 20.63
CA LEU A 36 -1.37 5.82 19.75
C LEU A 36 -1.21 4.68 18.74
N GLY A 37 -1.31 5.02 17.45
CA GLY A 37 -1.18 4.03 16.40
C GLY A 37 -2.50 3.42 16.00
N ALA A 38 -3.55 3.77 16.74
CA ALA A 38 -4.88 3.24 16.47
C ALA A 38 -5.44 3.73 15.14
N ALA A 39 -6.35 2.94 14.58
CA ALA A 39 -6.99 3.27 13.30
C ALA A 39 -8.00 4.39 13.49
N ASN A 40 -8.37 5.03 12.39
CA ASN A 40 -9.31 6.13 12.39
C ASN A 40 -8.90 7.37 13.18
N ARG A 41 -7.63 7.73 13.07
CA ARG A 41 -7.14 8.93 13.71
C ARG A 41 -6.26 9.65 12.71
N ALA A 42 -5.79 10.83 13.09
CA ALA A 42 -4.97 11.64 12.19
C ALA A 42 -3.60 11.04 11.93
N LEU A 43 -3.09 11.30 10.74
CA LEU A 43 -1.76 10.85 10.38
C LEU A 43 -0.89 11.81 11.17
N ALA A 44 0.27 11.36 11.64
CA ALA A 44 1.16 12.24 12.39
C ALA A 44 1.80 13.27 11.47
N ARG A 45 2.12 14.45 12.01
CA ARG A 45 2.78 15.51 11.26
C ARG A 45 4.22 15.62 11.74
N TRP A 46 5.17 15.45 10.82
CA TRP A 46 6.57 15.57 11.18
C TRP A 46 7.01 17.02 11.01
N LEU A 47 6.24 17.74 10.20
CA LEU A 47 6.48 19.16 9.94
C LEU A 47 5.10 19.81 9.84
N PRO A 48 5.01 21.11 10.08
CA PRO A 48 3.68 21.72 9.99
C PRO A 48 3.12 21.62 8.57
N ALA A 49 1.79 21.55 8.48
CA ALA A 49 1.13 21.47 7.20
C ALA A 49 1.36 22.80 6.51
N GLU A 50 1.26 22.78 5.18
CA GLU A 50 1.44 23.99 4.42
C GLU A 50 0.27 24.12 3.47
N TYR A 51 -0.62 25.04 3.79
CA TYR A 51 -1.80 25.31 2.99
C TYR A 51 -1.79 26.72 2.44
N GLU A 52 -2.51 26.92 1.35
CA GLU A 52 -2.65 28.20 0.67
C GLU A 52 -3.10 29.29 1.65
N ASP A 53 -4.09 28.97 2.48
CA ASP A 53 -4.62 29.93 3.45
C ASP A 53 -4.16 29.56 4.84
N GLY A 54 -3.10 28.75 4.90
CA GLY A 54 -2.52 28.33 6.16
C GLY A 54 -3.28 27.33 7.00
N LEU A 55 -4.55 27.08 6.66
CA LEU A 55 -5.38 26.16 7.43
C LEU A 55 -5.87 24.91 6.73
N ALA A 56 -6.50 25.09 5.57
CA ALA A 56 -7.04 23.96 4.85
C ALA A 56 -7.00 23.98 3.33
N LEU A 57 -6.98 25.15 2.71
CA LEU A 57 -6.97 25.19 1.25
C LEU A 57 -5.62 24.75 0.65
N PRO A 58 -5.68 23.88 -0.37
CA PRO A 58 -4.50 23.36 -1.05
C PRO A 58 -3.86 24.39 -1.96
N PHE A 59 -2.56 24.25 -2.22
CA PHE A 59 -1.90 25.17 -3.12
C PHE A 59 -2.35 24.80 -4.54
N GLY A 60 -2.65 25.82 -5.33
CA GLY A 60 -3.13 25.57 -6.68
C GLY A 60 -4.65 25.62 -6.67
N TRP A 61 -5.23 25.93 -5.52
CA TRP A 61 -6.69 26.01 -5.39
C TRP A 61 -7.17 27.38 -5.84
N THR A 62 -6.46 28.43 -5.40
CA THR A 62 -6.79 29.79 -5.79
C THR A 62 -5.71 30.18 -6.80
N GLN A 63 -6.07 30.07 -8.08
CA GLN A 63 -5.16 30.34 -9.18
C GLN A 63 -4.34 31.65 -9.12
N ARG A 64 -4.72 32.57 -8.24
CA ARG A 64 -3.99 33.83 -8.12
C ARG A 64 -2.92 33.75 -7.04
N LYS A 65 -3.25 33.17 -5.89
CA LYS A 65 -2.29 33.03 -4.81
C LYS A 65 -1.18 32.10 -5.30
N THR A 66 0.07 32.51 -5.08
CA THR A 66 1.22 31.72 -5.47
C THR A 66 1.88 31.05 -4.27
N ARG A 67 2.85 30.21 -4.54
CA ARG A 67 3.59 29.52 -3.52
C ARG A 67 5.04 30.04 -3.63
N ASN A 68 5.48 30.87 -2.70
CA ASN A 68 6.83 31.42 -2.77
C ASN A 68 6.98 32.30 -4.00
N GLY A 69 5.90 32.95 -4.41
CA GLY A 69 5.99 33.83 -5.57
C GLY A 69 5.67 33.25 -6.93
N PHE A 70 5.40 31.94 -7.00
CA PHE A 70 5.08 31.38 -8.30
C PHE A 70 3.81 30.55 -8.30
N ARG A 71 3.26 30.35 -9.48
CA ARG A 71 2.08 29.52 -9.63
C ARG A 71 2.63 28.10 -9.57
N VAL A 72 1.86 27.18 -8.99
CA VAL A 72 2.31 25.82 -8.97
C VAL A 72 1.67 25.18 -10.20
N PRO A 73 2.48 24.51 -11.03
CA PRO A 73 2.04 23.84 -12.26
C PRO A 73 1.00 22.76 -12.03
N LEU A 74 0.09 22.62 -13.00
CA LEU A 74 -0.97 21.63 -12.94
C LEU A 74 -0.36 20.26 -12.79
N ALA A 75 -0.94 19.43 -11.94
CA ALA A 75 -0.43 18.09 -11.73
C ALA A 75 -0.34 17.31 -13.06
N ARG A 76 -1.33 17.47 -13.92
CA ARG A 76 -1.33 16.75 -15.19
C ARG A 76 -0.22 17.20 -16.15
N GLU A 77 0.13 18.48 -16.15
CA GLU A 77 1.21 18.93 -17.03
C GLU A 77 2.50 18.24 -16.59
N VAL A 78 2.75 18.25 -15.28
CA VAL A 78 3.94 17.61 -14.72
C VAL A 78 3.93 16.15 -15.13
N SER A 79 2.77 15.52 -15.04
CA SER A 79 2.65 14.13 -15.43
C SER A 79 3.04 13.98 -16.90
N ASN A 80 2.52 14.88 -17.73
CA ASN A 80 2.77 14.88 -19.16
C ASN A 80 4.18 15.23 -19.56
N LYS A 81 4.78 16.21 -18.89
CA LYS A 81 6.11 16.63 -19.28
C LYS A 81 7.28 15.90 -18.66
N ILE A 82 7.03 15.15 -17.57
CA ILE A 82 8.12 14.45 -16.92
C ILE A 82 7.88 12.97 -16.64
N VAL A 83 6.66 12.62 -16.23
CA VAL A 83 6.35 11.26 -15.85
C VAL A 83 6.11 10.25 -16.96
N GLY A 84 5.50 10.68 -18.05
CA GLY A 84 5.20 9.75 -19.13
C GLY A 84 6.35 9.33 -20.03
N TYR A 85 6.07 8.30 -20.82
CA TYR A 85 7.01 7.75 -21.80
C TYR A 85 6.23 6.73 -22.63
N LEU A 86 6.74 6.44 -23.84
CA LEU A 86 6.03 5.52 -24.72
C LEU A 86 6.65 4.15 -24.88
N ASP A 87 7.98 4.07 -24.86
CA ASP A 87 8.66 2.79 -25.07
C ASP A 87 8.96 1.96 -23.83
N GLU A 88 8.24 0.84 -23.70
CA GLU A 88 8.39 -0.07 -22.56
C GLU A 88 9.62 -0.98 -22.63
N GLU A 89 10.22 -1.12 -23.80
CA GLU A 89 11.39 -1.98 -23.91
C GLU A 89 12.53 -1.47 -23.04
N GLY A 90 13.29 -2.41 -22.49
CA GLY A 90 14.43 -2.08 -21.66
C GLY A 90 14.12 -1.43 -20.32
N VAL A 91 12.86 -1.45 -19.90
CA VAL A 91 12.48 -0.82 -18.64
C VAL A 91 12.39 -1.77 -17.43
N LEU A 92 12.48 -3.08 -17.64
CA LEU A 92 12.38 -4.06 -16.56
C LEU A 92 13.60 -4.19 -15.64
N ASP A 93 13.34 -4.35 -14.35
CA ASP A 93 14.41 -4.49 -13.34
C ASP A 93 15.04 -5.87 -13.52
N GLN A 94 16.32 -5.90 -13.86
CA GLN A 94 17.02 -7.15 -14.09
C GLN A 94 17.26 -7.98 -12.83
N ASN A 95 17.02 -7.41 -11.66
CA ASN A 95 17.23 -8.18 -10.44
C ASN A 95 16.20 -7.95 -9.34
N ARG A 96 14.93 -7.87 -9.75
CA ARG A 96 13.81 -7.71 -8.83
C ARG A 96 12.60 -8.29 -9.55
N SER A 97 11.98 -9.30 -8.95
CA SER A 97 10.80 -9.96 -9.51
C SER A 97 9.56 -9.11 -9.31
N LEU A 98 8.48 -9.51 -9.99
CA LEU A 98 7.21 -8.81 -9.91
C LEU A 98 6.68 -8.81 -8.47
N LEU A 99 7.09 -9.78 -7.67
CA LEU A 99 6.67 -9.91 -6.28
C LEU A 99 7.24 -8.78 -5.41
N PHE A 100 8.36 -8.22 -5.85
CA PHE A 100 9.01 -7.12 -5.13
C PHE A 100 8.00 -5.94 -5.11
N MET A 101 7.44 -5.60 -6.26
CA MET A 101 6.46 -4.51 -6.36
C MET A 101 5.22 -4.85 -5.54
N GLN A 102 4.70 -6.05 -5.75
CA GLN A 102 3.50 -6.50 -5.06
C GLN A 102 3.55 -6.51 -3.53
N TRP A 103 4.67 -6.95 -2.95
CA TRP A 103 4.79 -6.97 -1.49
C TRP A 103 4.69 -5.53 -0.99
N GLY A 104 5.42 -4.63 -1.64
CA GLY A 104 5.39 -3.23 -1.26
C GLY A 104 3.98 -2.72 -1.09
N GLN A 105 3.13 -2.97 -2.08
CA GLN A 105 1.74 -2.54 -2.00
C GLN A 105 1.04 -3.18 -0.79
N ILE A 106 1.39 -4.43 -0.50
CA ILE A 106 0.80 -5.11 0.65
C ILE A 106 1.21 -4.46 1.97
N VAL A 107 2.48 -4.11 2.14
CA VAL A 107 2.94 -3.49 3.39
C VAL A 107 2.23 -2.15 3.49
N ASP A 108 2.23 -1.36 2.41
CA ASP A 108 1.60 0.01 2.43
C ASP A 108 0.12 -0.09 2.86
N HIS A 109 -0.69 -0.95 2.26
CA HIS A 109 -2.08 -1.05 2.64
C HIS A 109 -2.21 -1.51 4.07
N ASP A 110 -1.19 -2.21 4.58
CA ASP A 110 -1.26 -2.62 5.96
C ASP A 110 -1.06 -1.37 6.83
N LEU A 111 -0.17 -0.47 6.41
CA LEU A 111 0.13 0.72 7.19
C LEU A 111 -0.71 1.99 7.10
N ASP A 112 -1.22 2.32 5.91
CA ASP A 112 -2.00 3.54 5.80
C ASP A 112 -3.13 3.54 4.78
N PHE A 113 -4.11 4.40 5.05
CA PHE A 113 -5.23 4.58 4.15
C PHE A 113 -5.99 5.85 4.50
N ALA A 114 -5.97 6.82 3.59
CA ALA A 114 -6.68 8.08 3.78
C ALA A 114 -7.82 8.09 2.79
N PRO A 115 -8.99 7.53 3.17
CA PRO A 115 -10.12 7.52 2.24
C PRO A 115 -10.61 8.89 1.83
N GLU A 116 -11.25 8.96 0.67
CA GLU A 116 -11.77 10.21 0.18
C GLU A 116 -13.05 10.56 0.92
N THR A 117 -13.43 11.82 0.87
CA THR A 117 -14.62 12.34 1.56
C THR A 117 -15.98 11.96 0.99
N GLU A 118 -16.91 11.80 1.89
CA GLU A 118 -18.23 11.48 1.41
C GLU A 118 -19.07 12.77 1.39
N LEU A 119 -20.30 12.55 1.86
CA LEU A 119 -21.50 13.32 1.71
C LEU A 119 -22.01 12.79 0.35
N GLY A 120 -21.36 11.82 -0.33
CA GLY A 120 -21.85 11.42 -1.64
C GLY A 120 -22.84 10.25 -1.75
N SER A 121 -23.74 10.09 -0.79
CA SER A 121 -24.75 9.06 -0.96
C SER A 121 -25.93 9.80 -1.51
N ASN A 122 -26.32 9.47 -2.73
CA ASN A 122 -27.44 10.18 -3.35
C ASN A 122 -27.00 11.63 -3.41
N GLU A 123 -25.92 11.89 -4.15
CA GLU A 123 -25.41 13.24 -4.27
C GLU A 123 -25.20 13.72 -5.71
N HIS A 124 -25.29 15.04 -5.85
CA HIS A 124 -25.10 15.69 -7.13
C HIS A 124 -23.73 16.34 -7.17
N SER A 125 -23.09 16.43 -6.01
CA SER A 125 -21.74 16.97 -5.93
C SER A 125 -20.96 15.92 -6.72
N LYS A 126 -21.35 14.67 -6.51
CA LYS A 126 -20.73 13.53 -7.19
C LYS A 126 -20.80 13.75 -8.69
N THR A 127 -21.70 14.63 -9.12
CA THR A 127 -21.88 14.94 -10.53
C THR A 127 -21.49 16.37 -10.88
N GLN A 128 -21.66 17.29 -9.93
CA GLN A 128 -21.29 18.68 -10.16
C GLN A 128 -19.78 18.71 -10.34
N CYS A 129 -19.13 17.62 -9.92
CA CYS A 129 -17.67 17.49 -10.01
C CYS A 129 -17.15 16.76 -11.26
N GLU A 130 -17.86 15.75 -11.75
CA GLU A 130 -17.36 15.06 -12.93
C GLU A 130 -17.90 15.66 -14.23
N GLU A 131 -19.14 16.14 -14.19
CA GLU A 131 -19.77 16.70 -15.39
C GLU A 131 -19.33 18.11 -15.75
N TYR A 132 -19.21 19.00 -14.76
CA TYR A 132 -18.86 20.38 -15.04
C TYR A 132 -17.51 20.89 -14.54
N CYS A 133 -16.77 20.04 -13.84
CA CYS A 133 -15.45 20.42 -13.31
C CYS A 133 -15.46 21.70 -12.49
N ILE A 134 -16.56 21.95 -11.78
CA ILE A 134 -16.63 23.16 -10.96
C ILE A 134 -15.92 22.93 -9.64
N GLN A 135 -14.83 23.67 -9.43
CA GLN A 135 -14.09 23.53 -8.18
C GLN A 135 -14.96 24.03 -7.02
N GLY A 136 -14.94 23.30 -5.93
CA GLY A 136 -15.73 23.70 -4.78
C GLY A 136 -15.74 22.64 -3.71
N ASP A 137 -15.65 23.07 -2.46
CA ASP A 137 -15.65 22.15 -1.36
C ASP A 137 -14.77 20.94 -1.72
N ASN A 138 -15.13 19.75 -1.29
CA ASN A 138 -14.33 18.56 -1.51
C ASN A 138 -14.05 18.19 -2.96
N CYS A 139 -14.51 18.99 -3.91
CA CYS A 139 -14.24 18.72 -5.32
C CYS A 139 -13.07 19.60 -5.72
N PHE A 140 -11.95 18.97 -6.01
CA PHE A 140 -10.72 19.65 -6.38
C PHE A 140 -10.24 18.97 -7.67
N PRO A 141 -10.91 19.28 -8.79
CA PRO A 141 -10.59 18.70 -10.10
C PRO A 141 -9.20 18.92 -10.66
N ILE A 142 -8.73 17.91 -11.40
CA ILE A 142 -7.42 17.97 -12.04
C ILE A 142 -7.70 18.47 -13.46
N MET A 143 -7.37 19.73 -13.71
CA MET A 143 -7.61 20.31 -15.02
C MET A 143 -6.63 19.78 -16.06
N PHE A 144 -7.09 19.74 -17.31
CA PHE A 144 -6.26 19.28 -18.41
C PHE A 144 -5.59 20.49 -19.03
N PRO A 145 -4.30 20.25 -19.49
CA PRO A 145 -3.43 21.24 -20.21
C PRO A 145 -3.90 21.66 -21.55
N LYS A 146 -3.40 22.74 -22.04
CA LYS A 146 -3.71 22.93 -23.44
C LYS A 146 -2.91 21.81 -24.16
N ASN A 147 -3.37 21.36 -25.31
CA ASN A 147 -2.83 20.27 -26.17
C ASN A 147 -2.79 18.87 -25.51
N ASP A 148 -3.40 18.65 -24.38
CA ASP A 148 -3.65 17.28 -23.86
C ASP A 148 -4.65 16.48 -24.70
N PRO A 149 -4.25 15.28 -25.13
CA PRO A 149 -5.13 14.43 -25.94
C PRO A 149 -6.44 14.09 -25.25
N LYS A 150 -6.46 14.11 -23.91
CA LYS A 150 -7.68 13.77 -23.20
C LYS A 150 -8.74 14.83 -23.32
N LEU A 151 -8.31 16.04 -23.70
CA LEU A 151 -9.24 17.14 -23.89
C LEU A 151 -10.24 16.72 -24.96
N LYS A 152 -9.69 16.50 -26.14
CA LYS A 152 -10.45 16.09 -27.31
C LYS A 152 -11.31 14.88 -27.08
N THR A 153 -10.88 14.02 -26.17
CA THR A 153 -11.59 12.75 -25.97
C THR A 153 -12.25 12.44 -24.62
N GLN A 154 -11.94 13.21 -23.58
CA GLN A 154 -12.51 12.93 -22.27
C GLN A 154 -13.27 14.07 -21.61
N GLY A 155 -12.75 15.28 -21.70
CA GLY A 155 -13.43 16.40 -21.09
C GLY A 155 -12.46 17.49 -20.72
N LYS A 156 -12.85 18.35 -19.78
CA LYS A 156 -11.99 19.45 -19.37
C LYS A 156 -11.19 19.09 -18.14
N CYS A 157 -11.58 18.02 -17.46
CA CYS A 157 -10.87 17.63 -16.26
C CYS A 157 -11.08 16.19 -15.84
N MET A 158 -10.39 15.86 -14.77
CA MET A 158 -10.42 14.55 -14.17
C MET A 158 -10.99 14.78 -12.77
N PRO A 159 -12.13 14.16 -12.45
CA PRO A 159 -12.69 14.39 -11.12
C PRO A 159 -11.72 13.92 -10.03
N PHE A 160 -11.80 14.55 -8.87
CA PHE A 160 -10.92 14.25 -7.76
C PHE A 160 -11.55 14.80 -6.50
N PHE A 161 -11.58 14.00 -5.45
CA PHE A 161 -12.18 14.45 -4.19
C PHE A 161 -11.17 14.49 -3.07
N ARG A 162 -11.23 15.54 -2.27
CA ARG A 162 -10.27 15.71 -1.19
C ARG A 162 -10.38 14.60 -0.14
N ALA A 163 -9.26 14.33 0.52
CA ALA A 163 -9.18 13.29 1.56
C ALA A 163 -9.89 13.72 2.83
N GLY A 164 -10.42 12.74 3.56
CA GLY A 164 -11.10 13.04 4.81
C GLY A 164 -10.14 13.58 5.85
N PHE A 165 -10.69 14.31 6.83
CA PHE A 165 -9.93 14.93 7.90
C PHE A 165 -10.59 14.60 9.24
N VAL A 166 -9.99 15.03 10.37
CA VAL A 166 -10.57 14.64 11.69
C VAL A 166 -11.52 15.61 12.39
N CYS A 167 -11.93 15.23 13.64
CA CYS A 167 -13.06 15.89 14.29
C CYS A 167 -14.19 15.39 13.33
N PRO A 168 -14.87 16.41 12.75
CA PRO A 168 -15.92 16.18 11.68
C PRO A 168 -15.53 15.47 10.36
N THR A 169 -16.10 16.04 9.28
CA THR A 169 -15.87 15.63 7.89
C THR A 169 -16.62 16.67 6.96
N PRO A 170 -17.87 17.09 7.31
CA PRO A 170 -18.56 18.13 6.50
C PRO A 170 -17.81 19.47 6.46
N PRO A 171 -18.60 20.51 6.42
CA PRO A 171 -18.12 21.91 6.49
C PRO A 171 -17.42 22.29 7.79
N TYR A 172 -16.09 22.18 7.87
CA TYR A 172 -15.37 22.51 9.11
C TYR A 172 -14.28 23.58 8.86
N GLN A 173 -13.57 24.02 9.92
CA GLN A 173 -12.57 25.10 9.74
C GLN A 173 -11.38 25.17 10.72
N SER A 174 -11.62 25.73 11.86
CA SER A 174 -10.68 25.96 12.99
C SER A 174 -9.20 25.51 13.09
N LEU A 175 -8.85 24.29 13.33
CA LEU A 175 -7.38 24.04 13.39
C LEU A 175 -6.86 23.59 12.01
N ALA A 176 -5.56 23.44 11.89
CA ALA A 176 -5.03 22.97 10.62
C ALA A 176 -5.62 21.61 10.28
N ARG A 177 -6.05 21.47 9.03
CA ARG A 177 -6.65 20.25 8.52
C ARG A 177 -5.69 19.07 8.54
N GLU A 178 -6.06 18.01 9.24
CA GLU A 178 -5.23 16.81 9.35
C GLU A 178 -6.02 15.60 8.83
N GLN A 179 -5.46 14.92 7.84
CA GLN A 179 -6.09 13.74 7.23
C GLN A 179 -6.16 12.54 8.16
N ILE A 180 -7.04 11.60 7.83
CA ILE A 180 -7.24 10.39 8.63
C ILE A 180 -6.50 9.18 8.10
N ASN A 181 -6.13 8.29 9.01
CA ASN A 181 -5.49 7.03 8.66
C ASN A 181 -6.55 6.06 9.16
N ALA A 182 -7.22 5.40 8.22
CA ALA A 182 -8.31 4.48 8.55
C ALA A 182 -7.84 3.10 8.99
N VAL A 183 -6.54 2.86 8.98
CA VAL A 183 -6.04 1.56 9.38
C VAL A 183 -5.01 1.72 10.50
N THR A 184 -4.67 0.61 11.16
CA THR A 184 -3.72 0.65 12.25
C THR A 184 -2.32 0.96 11.71
N SER A 185 -1.52 1.67 12.49
CA SER A 185 -0.18 2.04 12.03
C SER A 185 0.80 0.90 12.16
N PHE A 186 0.57 0.02 13.12
CA PHE A 186 1.45 -1.12 13.36
C PHE A 186 1.43 -2.07 12.19
N LEU A 187 2.52 -2.77 11.94
CA LEU A 187 2.57 -3.76 10.86
C LEU A 187 1.95 -5.01 11.51
N ASP A 188 0.63 -5.12 11.41
CA ASP A 188 -0.14 -6.18 12.06
C ASP A 188 -1.08 -7.08 11.23
N ALA A 189 -1.02 -7.01 9.90
CA ALA A 189 -1.90 -7.84 9.07
C ALA A 189 -3.35 -7.35 9.14
N SER A 190 -3.51 -6.07 9.39
CA SER A 190 -4.85 -5.48 9.46
C SER A 190 -5.50 -5.49 8.08
N LEU A 191 -4.74 -5.85 7.04
CA LEU A 191 -5.33 -5.84 5.71
C LEU A 191 -6.04 -7.16 5.46
N VAL A 192 -5.71 -8.16 6.27
CA VAL A 192 -6.34 -9.47 6.18
C VAL A 192 -7.59 -9.49 7.07
N TYR A 193 -7.42 -9.07 8.32
CA TYR A 193 -8.51 -9.08 9.30
C TYR A 193 -9.38 -7.83 9.45
N GLY A 194 -8.91 -6.68 8.98
CA GLY A 194 -9.68 -5.46 9.11
C GLY A 194 -9.20 -4.61 10.27
N SER A 195 -9.61 -3.35 10.30
CA SER A 195 -9.20 -2.41 11.35
C SER A 195 -10.37 -1.94 12.20
N GLU A 196 -11.54 -2.51 11.95
CA GLU A 196 -12.73 -2.18 12.72
C GLU A 196 -13.34 -3.47 13.26
N PRO A 197 -13.97 -3.35 14.44
CA PRO A 197 -14.64 -4.51 15.09
C PRO A 197 -15.74 -5.12 14.13
N SEP A 198 -16.57 -4.32 13.49
CA SEP A 198 -17.62 -4.67 12.57
CB SEP A 198 -18.16 -3.33 12.02
OG SEP A 198 -18.27 -2.16 13.04
C SEP A 198 -17.05 -5.54 11.41
O SEP A 198 -17.42 -6.71 11.16
P SEP A 198 -17.19 -1.04 13.74
O1P SEP A 198 -17.82 0.31 14.00
O2P SEP A 198 -15.98 -0.89 12.74
O3P SEP A 198 -16.52 -1.61 15.01
N LEU A 199 -16.07 -5.00 10.69
CA LEU A 199 -15.62 -5.73 9.56
C LEU A 199 -14.89 -6.97 10.04
N ALA A 200 -13.96 -6.88 10.97
CA ALA A 200 -13.30 -8.04 11.53
C ALA A 200 -14.23 -9.20 11.85
N SER A 201 -15.41 -8.90 12.38
CA SER A 201 -16.38 -9.94 12.74
C SER A 201 -17.00 -10.61 11.50
N ARG A 202 -17.44 -9.78 10.56
CA ARG A 202 -18.07 -10.21 9.32
C ARG A 202 -17.14 -11.03 8.44
N LEU A 203 -15.85 -10.93 8.69
CA LEU A 203 -14.84 -11.64 7.92
C LEU A 203 -14.60 -13.02 8.49
N ARG A 204 -14.95 -13.19 9.75
CA ARG A 204 -14.75 -14.46 10.43
C ARG A 204 -15.85 -15.49 10.18
N ASN A 205 -15.50 -16.76 10.33
CA ASN A 205 -16.47 -17.85 10.16
C ASN A 205 -16.95 -18.25 11.56
N LEU A 206 -18.04 -17.63 12.00
CA LEU A 206 -18.59 -17.88 13.32
C LEU A 206 -19.67 -18.97 13.41
N SER A 207 -19.85 -19.75 12.36
CA SER A 207 -20.86 -20.81 12.38
C SER A 207 -20.18 -22.07 12.86
N SER A 208 -18.92 -21.95 13.24
CA SER A 208 -18.13 -23.08 13.73
C SER A 208 -16.95 -22.61 14.57
N PRO A 209 -16.55 -23.44 15.56
CA PRO A 209 -15.45 -23.22 16.51
C PRO A 209 -14.05 -23.58 16.03
N LEU A 210 -13.74 -23.30 14.78
CA LEU A 210 -12.43 -23.63 14.25
C LEU A 210 -11.52 -22.39 14.14
N GLY A 211 -12.11 -21.21 14.34
CA GLY A 211 -11.35 -19.98 14.26
C GLY A 211 -10.85 -19.66 12.87
N LEU A 212 -11.65 -20.02 11.87
CA LEU A 212 -11.31 -19.81 10.48
C LEU A 212 -11.96 -18.56 9.93
N MET A 213 -11.39 -18.04 8.84
CA MET A 213 -11.93 -16.86 8.17
C MET A 213 -12.97 -17.38 7.20
N ALA A 214 -14.02 -16.59 6.95
CA ALA A 214 -15.07 -16.97 6.03
C ALA A 214 -14.51 -17.10 4.61
N VAL A 215 -14.98 -18.09 3.87
CA VAL A 215 -14.50 -18.27 2.51
C VAL A 215 -15.64 -18.24 1.50
N ASN A 216 -15.29 -18.06 0.23
CA ASN A 216 -16.27 -18.01 -0.84
C ASN A 216 -17.02 -19.35 -0.87
N GLN A 217 -18.32 -19.31 -1.19
CA GLN A 217 -19.11 -20.53 -1.25
C GLN A 217 -19.60 -20.82 -2.67
N GLU A 218 -19.41 -19.86 -3.57
CA GLU A 218 -19.85 -19.99 -4.96
C GLU A 218 -18.80 -20.64 -5.84
N ALA A 219 -17.54 -20.45 -5.50
CA ALA A 219 -16.47 -21.02 -6.30
C ALA A 219 -15.29 -21.43 -5.43
N TRP A 220 -14.59 -22.44 -5.91
CA TRP A 220 -13.40 -22.92 -5.24
C TRP A 220 -12.33 -22.96 -6.31
N ASP A 221 -11.08 -22.98 -5.90
CA ASP A 221 -9.97 -23.00 -6.84
C ASP A 221 -9.25 -24.34 -6.61
N HIS A 222 -9.74 -25.36 -7.30
CA HIS A 222 -9.20 -26.71 -7.20
C HIS A 222 -9.21 -27.18 -5.75
N GLY A 223 -10.32 -26.90 -5.08
CA GLY A 223 -10.47 -27.29 -3.69
C GLY A 223 -9.96 -26.23 -2.74
N LEU A 224 -9.05 -25.38 -3.22
CA LEU A 224 -8.51 -24.33 -2.38
C LEU A 224 -9.50 -23.16 -2.31
N ALA A 225 -9.47 -22.43 -1.19
CA ALA A 225 -10.39 -21.32 -0.96
C ALA A 225 -10.18 -20.01 -1.70
N TYR A 226 -11.24 -19.21 -1.68
CA TYR A 226 -11.27 -17.89 -2.31
C TYR A 226 -11.78 -16.93 -1.25
N LEU A 227 -11.46 -15.65 -1.39
CA LEU A 227 -11.97 -14.68 -0.43
C LEU A 227 -13.47 -14.63 -0.74
N PRO A 228 -14.30 -14.31 0.26
CA PRO A 228 -15.74 -14.24 -0.03
C PRO A 228 -16.06 -13.04 -0.94
N PHE A 229 -17.19 -13.10 -1.64
CA PHE A 229 -17.60 -12.00 -2.53
C PHE A 229 -18.12 -10.84 -1.70
N ASN A 230 -18.07 -9.64 -2.26
CA ASN A 230 -18.58 -8.49 -1.53
C ASN A 230 -20.05 -8.27 -1.81
N ASN A 231 -20.77 -8.05 -0.72
CA ASN A 231 -22.21 -7.81 -0.66
C ASN A 231 -22.68 -6.69 -1.59
N LYS A 232 -22.12 -5.51 -1.35
CA LYS A 232 -22.43 -4.25 -2.02
C LYS A 232 -22.45 -4.06 -3.53
N LYS A 233 -23.64 -3.74 -4.04
CA LYS A 233 -23.87 -3.43 -5.44
C LYS A 233 -24.29 -1.98 -5.34
N PRO A 234 -23.92 -1.11 -6.30
CA PRO A 234 -23.11 -1.35 -7.51
C PRO A 234 -21.67 -1.77 -7.22
N SER A 235 -21.24 -2.81 -7.91
CA SER A 235 -19.89 -3.34 -7.76
C SER A 235 -19.08 -2.91 -8.99
N PRO A 236 -17.82 -2.48 -8.79
CA PRO A 236 -16.99 -2.06 -9.91
C PRO A 236 -16.45 -3.26 -10.66
N CYS A 237 -16.26 -4.36 -9.94
CA CYS A 237 -15.71 -5.57 -10.53
C CYS A 237 -16.67 -6.21 -11.51
N GLU A 238 -17.95 -5.87 -11.41
CA GLU A 238 -18.90 -6.42 -12.35
C GLU A 238 -19.20 -5.42 -13.47
N PHE A 239 -18.81 -4.17 -13.26
CA PHE A 239 -19.00 -3.14 -14.28
C PHE A 239 -18.04 -3.34 -15.46
N ILE A 240 -16.82 -3.82 -15.19
CA ILE A 240 -15.84 -4.00 -16.24
C ILE A 240 -16.15 -5.14 -17.23
N ASN A 241 -17.11 -5.99 -16.86
CA ASN A 241 -17.56 -7.07 -17.74
C ASN A 241 -18.93 -7.49 -17.25
N THR A 242 -19.94 -6.71 -17.62
CA THR A 242 -21.30 -6.98 -17.21
C THR A 242 -21.87 -8.35 -17.56
N THR A 243 -21.18 -9.09 -18.43
CA THR A 243 -21.66 -10.42 -18.79
C THR A 243 -21.13 -11.46 -17.80
N ALA A 244 -19.92 -11.26 -17.32
CA ALA A 244 -19.31 -12.18 -16.35
C ALA A 244 -19.93 -11.95 -14.98
N ARG A 245 -20.28 -10.70 -14.71
CA ARG A 245 -20.90 -10.30 -13.46
C ARG A 245 -20.31 -10.91 -12.20
N VAL A 246 -18.99 -10.82 -12.07
CA VAL A 246 -18.31 -11.33 -10.89
C VAL A 246 -17.94 -10.12 -10.01
N PRO A 247 -18.51 -10.04 -8.81
CA PRO A 247 -18.22 -8.92 -7.91
C PRO A 247 -16.82 -8.95 -7.31
N CYS A 248 -16.48 -7.86 -6.63
CA CYS A 248 -15.20 -7.71 -5.97
C CYS A 248 -15.15 -8.62 -4.76
N PHE A 249 -13.95 -8.86 -4.24
CA PHE A 249 -13.77 -9.70 -3.07
C PHE A 249 -13.89 -8.89 -1.78
N LEU A 250 -14.40 -9.51 -0.72
CA LEU A 250 -14.53 -8.84 0.57
C LEU A 250 -13.36 -9.23 1.45
N ALA A 251 -12.53 -8.27 1.84
CA ALA A 251 -11.36 -8.56 2.67
C ALA A 251 -11.16 -7.55 3.79
N GLY A 252 -10.10 -7.78 4.58
CA GLY A 252 -9.79 -6.91 5.69
C GLY A 252 -9.53 -5.47 5.28
N ASP A 253 -9.20 -5.25 4.01
CA ASP A 253 -8.92 -3.90 3.49
C ASP A 253 -9.75 -3.66 2.23
N PHE A 254 -10.29 -2.47 2.09
CA PHE A 254 -11.14 -2.15 0.95
C PHE A 254 -10.53 -2.01 -0.45
N ARG A 255 -9.21 -1.94 -0.53
CA ARG A 255 -8.56 -1.77 -1.82
C ARG A 255 -8.14 -3.11 -2.43
N ALA A 256 -8.43 -4.19 -1.71
CA ALA A 256 -8.08 -5.54 -2.10
C ALA A 256 -8.28 -5.91 -3.58
N SER A 257 -9.27 -5.33 -4.24
CA SER A 257 -9.51 -5.65 -5.65
C SER A 257 -9.04 -4.64 -6.70
N GLU A 258 -8.19 -3.60 -6.31
CA GLU A 258 -7.70 -2.57 -7.31
C GLU A 258 -7.10 -3.28 -8.51
N GLN A 259 -6.35 -4.34 -8.28
CA GLN A 259 -5.69 -5.01 -9.38
C GLN A 259 -5.60 -6.48 -9.03
N ILE A 260 -5.68 -7.32 -10.05
CA ILE A 260 -5.68 -8.78 -9.90
C ILE A 260 -4.54 -9.41 -9.10
N LEU A 261 -3.37 -8.79 -9.13
CA LEU A 261 -2.22 -9.31 -8.41
C LEU A 261 -2.30 -9.02 -6.91
N LEU A 262 -3.05 -7.97 -6.55
CA LEU A 262 -3.25 -7.58 -5.15
C LEU A 262 -4.30 -8.50 -4.53
N ALA A 263 -5.24 -8.95 -5.37
CA ALA A 263 -6.29 -9.84 -4.91
C ALA A 263 -5.70 -11.24 -4.74
N THR A 264 -4.71 -11.56 -5.58
CA THR A 264 -4.07 -12.85 -5.51
C THR A 264 -3.31 -12.94 -4.19
N ALA A 265 -2.62 -11.87 -3.86
CA ALA A 265 -1.85 -11.81 -2.63
C ALA A 265 -2.78 -11.97 -1.42
N HIS A 266 -3.86 -11.20 -1.40
CA HIS A 266 -4.83 -11.26 -0.31
C HIS A 266 -5.34 -12.70 -0.10
N THR A 267 -5.63 -13.38 -1.20
CA THR A 267 -6.12 -14.77 -1.15
C THR A 267 -5.08 -15.71 -0.54
N LEU A 268 -3.82 -15.50 -0.90
CA LEU A 268 -2.72 -16.31 -0.38
C LEU A 268 -2.68 -16.18 1.16
N LEU A 269 -2.88 -14.95 1.67
CA LEU A 269 -2.88 -14.69 3.11
C LEU A 269 -4.09 -15.31 3.81
N LEU A 270 -5.27 -15.13 3.22
CA LEU A 270 -6.49 -15.71 3.75
C LEU A 270 -6.24 -17.21 3.94
N ARG A 271 -5.84 -17.88 2.86
CA ARG A 271 -5.57 -19.31 2.88
C ARG A 271 -4.59 -19.73 3.99
N GLU A 272 -3.55 -18.94 4.20
CA GLU A 272 -2.58 -19.27 5.24
C GLU A 272 -3.22 -19.20 6.63
N HIS A 273 -4.19 -18.31 6.82
CA HIS A 273 -4.83 -18.22 8.12
C HIS A 273 -5.59 -19.51 8.44
N ASN A 274 -6.37 -19.97 7.47
CA ASN A 274 -7.14 -21.18 7.69
C ASN A 274 -6.21 -22.38 7.89
N ARG A 275 -5.22 -22.50 7.03
CA ARG A 275 -4.26 -23.60 7.13
C ARG A 275 -3.70 -23.63 8.54
N LEU A 276 -3.14 -22.50 8.95
CA LEU A 276 -2.55 -22.30 10.26
C LEU A 276 -3.57 -22.65 11.33
N ALA A 277 -4.83 -22.30 11.06
CA ALA A 277 -5.91 -22.55 12.01
C ALA A 277 -6.27 -24.02 12.20
N ARG A 278 -6.46 -24.76 11.10
CA ARG A 278 -6.80 -26.18 11.22
C ARG A 278 -5.60 -26.99 11.73
N GLU A 279 -4.41 -26.43 11.57
CA GLU A 279 -3.19 -27.09 12.04
C GLU A 279 -3.06 -26.96 13.57
N LEU A 280 -3.34 -25.77 14.10
CA LEU A 280 -3.25 -25.50 15.53
C LEU A 280 -4.29 -26.27 16.34
N LYS A 281 -5.45 -26.49 15.75
CA LYS A 281 -6.52 -27.24 16.42
C LYS A 281 -6.02 -28.66 16.62
N LYS A 282 -5.37 -29.17 15.57
CA LYS A 282 -4.84 -30.51 15.52
C LYS A 282 -3.84 -30.82 16.64
N LEU A 283 -3.14 -29.81 17.12
CA LEU A 283 -2.14 -29.98 18.18
C LEU A 283 -2.69 -29.61 19.55
N ASN A 284 -3.73 -28.79 19.56
CA ASN A 284 -4.37 -28.35 20.80
C ASN A 284 -5.88 -28.41 20.54
N PRO A 285 -6.46 -29.63 20.57
CA PRO A 285 -7.88 -29.93 20.35
C PRO A 285 -8.88 -29.19 21.24
N HIS A 286 -8.48 -28.90 22.47
CA HIS A 286 -9.37 -28.23 23.42
C HIS A 286 -9.59 -26.74 23.14
N TRP A 287 -8.61 -26.10 22.50
CA TRP A 287 -8.71 -24.68 22.18
C TRP A 287 -10.01 -24.34 21.49
N ASN A 288 -10.65 -23.25 21.92
CA ASN A 288 -11.89 -22.82 21.33
C ASN A 288 -11.63 -21.90 20.12
N GLY A 289 -12.67 -21.52 19.43
CA GLY A 289 -12.56 -20.68 18.24
C GLY A 289 -11.76 -19.40 18.41
N GLU A 290 -12.06 -18.63 19.45
CA GLU A 290 -11.36 -17.37 19.70
C GLU A 290 -9.85 -17.64 19.72
N LYS A 291 -9.45 -18.54 20.61
CA LYS A 291 -8.04 -18.89 20.77
C LYS A 291 -7.40 -19.30 19.44
N LEU A 292 -8.11 -20.07 18.62
CA LEU A 292 -7.57 -20.50 17.33
C LEU A 292 -7.37 -19.28 16.40
N TYR A 293 -8.36 -18.39 16.37
CA TYR A 293 -8.31 -17.19 15.55
C TYR A 293 -7.16 -16.27 15.97
N GLN A 294 -7.17 -15.82 17.22
CA GLN A 294 -6.12 -14.94 17.74
C GLN A 294 -4.71 -15.50 17.58
N GLU A 295 -4.55 -16.78 17.89
CA GLU A 295 -3.24 -17.42 17.82
C GLU A 295 -2.72 -17.49 16.38
N ALA A 296 -3.56 -17.89 15.44
CA ALA A 296 -3.16 -17.95 14.05
C ALA A 296 -2.86 -16.52 13.60
N ARG A 297 -3.82 -15.63 13.85
CA ARG A 297 -3.71 -14.21 13.52
C ARG A 297 -2.39 -13.60 13.95
N LYS A 298 -1.93 -13.97 15.14
CA LYS A 298 -0.68 -13.47 15.69
C LYS A 298 0.52 -14.07 14.95
N ILE A 299 0.37 -15.32 14.49
CA ILE A 299 1.45 -15.98 13.76
C ILE A 299 1.66 -15.23 12.43
N LEU A 300 0.55 -14.98 11.74
CA LEU A 300 0.52 -14.28 10.46
C LEU A 300 1.04 -12.84 10.59
N GLY A 301 0.79 -12.22 11.73
CA GLY A 301 1.27 -10.87 11.94
C GLY A 301 2.78 -10.92 11.97
N ALA A 302 3.30 -11.92 12.68
CA ALA A 302 4.74 -12.12 12.80
C ALA A 302 5.35 -12.47 11.45
N PHE A 303 4.56 -13.08 10.57
CA PHE A 303 5.03 -13.48 9.26
C PHE A 303 5.31 -12.28 8.37
N ILE A 304 4.32 -11.39 8.27
CA ILE A 304 4.46 -10.20 7.46
C ILE A 304 5.61 -9.31 7.95
N GLN A 305 5.74 -9.17 9.27
CA GLN A 305 6.81 -8.35 9.83
C GLN A 305 8.18 -8.89 9.45
N ILE A 306 8.33 -10.21 9.50
CA ILE A 306 9.59 -10.86 9.18
C ILE A 306 9.97 -10.69 7.71
N ILE A 307 9.08 -11.10 6.81
CA ILE A 307 9.35 -11.00 5.39
C ILE A 307 9.71 -9.55 5.03
N THR A 308 8.99 -8.61 5.63
CA THR A 308 9.19 -7.19 5.36
C THR A 308 10.55 -6.67 5.80
N PHE A 309 10.91 -6.92 7.06
CA PHE A 309 12.16 -6.44 7.60
C PHE A 309 13.39 -7.27 7.27
N ARG A 310 13.22 -8.56 7.07
CA ARG A 310 14.35 -9.43 6.75
C ARG A 310 14.62 -9.53 5.26
N ASP A 311 13.57 -9.67 4.45
CA ASP A 311 13.76 -9.79 3.00
C ASP A 311 13.37 -8.60 2.11
N TYR A 312 12.53 -7.69 2.58
CA TYR A 312 12.10 -6.59 1.72
C TYR A 312 12.80 -5.24 1.85
N LEU A 313 12.85 -4.70 3.06
CA LEU A 313 13.48 -3.40 3.28
C LEU A 313 14.95 -3.39 2.91
N PRO A 314 15.68 -4.48 3.18
CA PRO A 314 17.10 -4.50 2.82
C PRO A 314 17.36 -4.25 1.34
N ILE A 315 16.38 -4.52 0.49
CA ILE A 315 16.61 -4.28 -0.93
C ILE A 315 15.80 -3.09 -1.46
N VAL A 316 15.32 -2.26 -0.55
CA VAL A 316 14.61 -1.03 -0.90
C VAL A 316 15.63 0.01 -0.43
N LEU A 317 15.95 -0.04 0.86
CA LEU A 317 16.90 0.88 1.48
C LEU A 317 18.34 0.69 1.04
N GLY A 318 18.70 -0.53 0.67
CA GLY A 318 20.05 -0.80 0.25
C GLY A 318 21.06 -0.55 1.35
N SER A 319 22.16 0.10 1.00
CA SER A 319 23.21 0.37 1.96
C SER A 319 22.82 1.39 3.03
N GLU A 320 21.66 2.01 2.85
CA GLU A 320 21.15 2.99 3.80
C GLU A 320 20.40 2.29 4.94
N MET A 321 20.07 1.02 4.70
CA MET A 321 19.34 0.20 5.67
C MET A 321 19.82 0.44 7.10
N GLN A 322 21.08 0.13 7.36
CA GLN A 322 21.68 0.28 8.68
C GLN A 322 21.76 1.69 9.24
N LYS A 323 21.79 2.69 8.37
CA LYS A 323 21.86 4.08 8.80
C LYS A 323 20.56 4.58 9.42
N TRP A 324 19.45 3.89 9.14
CA TRP A 324 18.14 4.29 9.68
C TRP A 324 17.51 3.27 10.61
N ILE A 325 17.63 2.00 10.25
CA ILE A 325 17.06 0.93 11.05
C ILE A 325 18.17 0.09 11.66
N PRO A 326 18.64 0.47 12.86
CA PRO A 326 19.72 -0.27 13.54
C PRO A 326 19.21 -1.60 14.07
N PRO A 327 20.12 -2.47 14.54
CA PRO A 327 19.67 -3.77 15.07
C PRO A 327 18.61 -3.52 16.14
N TYR A 328 17.63 -4.40 16.22
CA TYR A 328 16.55 -4.26 17.19
C TYR A 328 17.11 -4.26 18.63
N GLN A 329 16.51 -3.46 19.49
CA GLN A 329 16.97 -3.35 20.88
C GLN A 329 15.90 -3.48 21.96
N GLY A 330 14.68 -3.83 21.55
CA GLY A 330 13.60 -3.95 22.51
C GLY A 330 12.59 -2.84 22.33
N TYR A 331 11.42 -3.03 22.91
CA TYR A 331 10.35 -2.05 22.85
C TYR A 331 10.73 -0.73 23.54
N ASN A 332 10.45 0.39 22.87
CA ASN A 332 10.72 1.72 23.42
C ASN A 332 9.37 2.43 23.50
N ASN A 333 8.81 2.52 24.70
CA ASN A 333 7.48 3.14 24.87
C ASN A 333 7.42 4.63 24.51
N SER A 334 8.58 5.26 24.35
CA SER A 334 8.63 6.69 24.01
C SER A 334 8.57 6.96 22.51
N VAL A 335 8.74 5.92 21.71
CA VAL A 335 8.70 6.05 20.27
C VAL A 335 7.27 6.17 19.79
N ASP A 336 6.99 7.20 19.00
CA ASP A 336 5.66 7.43 18.45
C ASP A 336 5.51 6.48 17.24
N PRO A 337 4.56 5.53 17.32
CA PRO A 337 4.37 4.58 16.21
C PRO A 337 3.40 5.03 15.10
N ARG A 338 2.95 6.28 15.13
CA ARG A 338 2.01 6.74 14.11
C ARG A 338 2.65 6.94 12.75
N ILE A 339 1.90 6.57 11.70
CA ILE A 339 2.39 6.75 10.34
C ILE A 339 2.27 8.25 10.04
N SER A 340 3.36 8.84 9.58
CA SER A 340 3.35 10.26 9.27
C SER A 340 2.59 10.51 7.99
N ASN A 341 2.08 11.73 7.85
CA ASN A 341 1.35 12.08 6.64
C ASN A 341 2.26 11.94 5.41
N VAL A 342 3.49 12.44 5.49
CA VAL A 342 4.40 12.37 4.36
C VAL A 342 4.85 10.95 3.95
N PHE A 343 4.80 10.01 4.88
CA PHE A 343 5.17 8.64 4.57
C PHE A 343 4.23 8.07 3.50
N THR A 344 2.93 8.31 3.65
CA THR A 344 1.96 7.81 2.68
C THR A 344 2.29 8.28 1.26
N PHE A 345 3.16 9.27 1.12
CA PHE A 345 3.55 9.73 -0.20
C PHE A 345 4.91 9.20 -0.55
N ALA A 346 5.76 9.03 0.46
CA ALA A 346 7.09 8.49 0.23
C ALA A 346 6.96 7.03 -0.23
N PHE A 347 6.03 6.29 0.38
CA PHE A 347 5.87 4.89 0.00
C PHE A 347 5.29 4.72 -1.40
N ARG A 348 4.88 5.82 -2.04
CA ARG A 348 4.34 5.70 -3.39
C ARG A 348 5.42 5.54 -4.47
N PHE A 349 6.66 5.30 -4.05
CA PHE A 349 7.76 5.09 -5.00
C PHE A 349 7.43 3.84 -5.79
N GLY A 350 6.58 3.00 -5.20
CA GLY A 350 6.18 1.77 -5.84
C GLY A 350 5.45 1.91 -7.16
N HIS A 351 4.74 3.03 -7.36
CA HIS A 351 4.00 3.25 -8.61
C HIS A 351 4.90 3.29 -9.84
N MET A 352 6.18 3.58 -9.64
CA MET A 352 7.09 3.64 -10.76
C MET A 352 7.77 2.30 -10.98
N GLU A 353 7.30 1.30 -10.23
CA GLU A 353 7.87 -0.05 -10.32
C GLU A 353 6.87 -1.04 -10.92
N VAL A 354 5.71 -0.54 -11.32
CA VAL A 354 4.65 -1.37 -11.91
C VAL A 354 4.79 -1.45 -13.43
N PRO A 355 5.02 -2.66 -13.97
CA PRO A 355 5.17 -2.85 -15.42
C PRO A 355 3.82 -2.75 -16.12
N SER A 356 3.87 -2.71 -17.46
CA SER A 356 2.64 -2.60 -18.25
C SER A 356 1.84 -3.88 -18.42
N THR A 357 2.40 -5.01 -18.05
CA THR A 357 1.64 -6.24 -18.22
C THR A 357 1.74 -7.24 -17.07
N VAL A 358 0.79 -8.16 -17.07
CA VAL A 358 0.73 -9.27 -16.10
C VAL A 358 0.54 -10.54 -16.94
N SER A 359 1.35 -11.55 -16.65
CA SER A 359 1.30 -12.83 -17.38
C SER A 359 0.85 -13.99 -16.53
N ARG A 360 0.41 -15.05 -17.21
CA ARG A 360 -0.02 -16.27 -16.54
C ARG A 360 0.81 -17.38 -17.15
N LEU A 361 1.35 -18.25 -16.30
CA LEU A 361 2.18 -19.33 -16.77
C LEU A 361 1.62 -20.67 -16.34
N ASP A 362 1.63 -21.62 -17.28
CA ASP A 362 1.16 -22.97 -16.98
C ASP A 362 2.28 -23.63 -16.19
N GLU A 363 2.05 -24.86 -15.79
CA GLU A 363 2.97 -25.63 -14.97
C GLU A 363 4.45 -25.72 -15.35
N ASN A 364 4.79 -25.43 -16.60
CA ASN A 364 6.20 -25.47 -17.00
C ASN A 364 6.72 -24.04 -17.03
N TYR A 365 5.86 -23.12 -16.63
CA TYR A 365 6.18 -21.70 -16.61
C TYR A 365 6.22 -21.16 -18.04
N GLN A 366 5.27 -21.62 -18.84
CA GLN A 366 5.14 -21.21 -20.23
C GLN A 366 3.81 -20.47 -20.35
N PRO A 367 3.68 -19.59 -21.34
CA PRO A 367 2.42 -18.86 -21.50
C PRO A 367 1.18 -19.76 -21.41
N TRP A 368 0.31 -19.41 -20.47
CA TRP A 368 -0.92 -20.16 -20.21
C TRP A 368 -2.04 -19.58 -21.07
N GLY A 369 -2.47 -20.36 -22.07
CA GLY A 369 -3.53 -19.91 -22.96
C GLY A 369 -2.95 -19.09 -24.09
N PRO A 370 -3.77 -18.65 -25.06
CA PRO A 370 -3.21 -17.84 -26.15
C PRO A 370 -2.97 -16.40 -25.72
N GLU A 371 -4.00 -15.82 -25.11
CA GLU A 371 -3.95 -14.44 -24.63
C GLU A 371 -3.45 -14.48 -23.18
N ALA A 372 -2.21 -14.94 -23.02
CA ALA A 372 -1.57 -15.09 -21.72
C ALA A 372 -0.99 -13.81 -21.10
N GLU A 373 -0.58 -12.88 -21.96
CA GLU A 373 -0.03 -11.61 -21.51
C GLU A 373 -1.07 -10.52 -21.65
N LEU A 374 -1.58 -10.03 -20.53
CA LEU A 374 -2.60 -9.00 -20.53
C LEU A 374 -2.08 -7.61 -20.17
N PRO A 375 -2.71 -6.56 -20.71
CA PRO A 375 -2.27 -5.20 -20.39
C PRO A 375 -2.80 -4.91 -18.97
N LEU A 376 -1.96 -4.27 -18.16
CA LEU A 376 -2.34 -3.97 -16.78
C LEU A 376 -3.74 -3.36 -16.66
N HIS A 377 -4.02 -2.30 -17.43
CA HIS A 377 -5.32 -1.64 -17.32
C HIS A 377 -6.56 -2.53 -17.46
N THR A 378 -6.45 -3.68 -18.12
CA THR A 378 -7.62 -4.56 -18.24
C THR A 378 -7.81 -5.34 -16.94
N LEU A 379 -6.90 -5.15 -15.98
CA LEU A 379 -6.99 -5.89 -14.72
C LEU A 379 -7.29 -5.08 -13.45
N PHE A 380 -7.63 -3.81 -13.60
CA PHE A 380 -7.98 -3.04 -12.42
C PHE A 380 -9.40 -3.50 -12.07
N PHE A 381 -9.60 -4.02 -10.87
CA PHE A 381 -10.92 -4.52 -10.45
C PHE A 381 -11.44 -5.67 -11.22
N ASN A 382 -10.52 -6.45 -11.67
CA ASN A 382 -10.85 -7.60 -12.46
C ASN A 382 -10.78 -8.85 -11.59
N THR A 383 -11.94 -9.37 -11.20
CA THR A 383 -11.96 -10.58 -10.39
C THR A 383 -12.38 -11.77 -11.25
N TRP A 384 -13.06 -11.49 -12.36
CA TRP A 384 -13.53 -12.56 -13.24
C TRP A 384 -12.41 -13.37 -13.87
N ARG A 385 -11.26 -12.74 -14.10
CA ARG A 385 -10.12 -13.45 -14.68
C ARG A 385 -9.56 -14.49 -13.73
N ILE A 386 -9.88 -14.35 -12.44
CA ILE A 386 -9.40 -15.32 -11.46
C ILE A 386 -10.40 -16.47 -11.38
N ILE A 387 -11.63 -16.11 -11.04
CA ILE A 387 -12.71 -17.08 -10.90
C ILE A 387 -12.96 -17.89 -12.16
N LYS A 388 -13.04 -17.24 -13.30
CA LYS A 388 -13.32 -17.97 -14.53
C LYS A 388 -12.17 -18.19 -15.51
N ASP A 389 -10.96 -17.76 -15.17
CA ASP A 389 -9.87 -17.95 -16.09
C ASP A 389 -8.60 -18.60 -15.51
N GLY A 390 -8.79 -19.68 -14.74
CA GLY A 390 -7.64 -20.39 -14.19
C GLY A 390 -7.21 -20.33 -12.72
N GLY A 391 -7.91 -19.60 -11.86
CA GLY A 391 -7.50 -19.55 -10.48
C GLY A 391 -6.29 -18.64 -10.25
N ILE A 392 -5.65 -18.74 -9.10
CA ILE A 392 -4.52 -17.87 -8.81
C ILE A 392 -3.13 -18.43 -9.11
N ASP A 393 -3.00 -19.75 -9.21
CA ASP A 393 -1.70 -20.37 -9.50
C ASP A 393 -1.01 -19.78 -10.74
N PRO A 394 -1.75 -19.59 -11.84
CA PRO A 394 -1.10 -19.01 -13.02
C PRO A 394 -0.56 -17.61 -12.77
N LEU A 395 -1.26 -16.83 -11.94
CA LEU A 395 -0.82 -15.47 -11.61
C LEU A 395 0.37 -15.49 -10.65
N VAL A 396 0.35 -16.41 -9.69
CA VAL A 396 1.44 -16.52 -8.72
C VAL A 396 2.75 -16.91 -9.41
N ARG A 397 2.65 -17.71 -10.47
CA ARG A 397 3.84 -18.12 -11.21
C ARG A 397 4.43 -16.92 -11.93
N GLY A 398 3.56 -16.01 -12.34
CA GLY A 398 4.00 -14.80 -13.00
C GLY A 398 4.72 -13.91 -12.02
N LEU A 399 4.26 -13.91 -10.77
CA LEU A 399 4.87 -13.10 -9.73
C LEU A 399 6.29 -13.55 -9.46
N LEU A 400 6.53 -14.86 -9.56
CA LEU A 400 7.86 -15.40 -9.29
C LEU A 400 8.77 -15.34 -10.51
N ALA A 401 8.19 -15.41 -11.70
CA ALA A 401 8.96 -15.44 -12.93
C ALA A 401 9.17 -14.13 -13.69
N LYS A 402 8.25 -13.18 -13.51
CA LYS A 402 8.41 -11.91 -14.21
C LYS A 402 9.10 -10.90 -13.33
N LYS A 403 9.56 -9.82 -13.95
CA LYS A 403 10.27 -8.78 -13.25
C LYS A 403 9.42 -7.55 -12.93
N SER A 404 9.89 -6.74 -12.00
CA SER A 404 9.23 -5.50 -11.65
C SER A 404 9.71 -4.50 -12.71
N LYS A 405 9.16 -3.30 -12.69
CA LYS A 405 9.63 -2.27 -13.61
C LYS A 405 10.67 -1.48 -12.82
N LEU A 406 11.79 -1.17 -13.46
CA LEU A 406 12.84 -0.41 -12.82
C LEU A 406 12.52 1.10 -12.89
N MET A 407 12.72 1.81 -11.79
CA MET A 407 12.47 3.25 -11.76
C MET A 407 13.52 3.86 -12.67
N ASN A 408 13.10 4.80 -13.52
CA ASN A 408 14.01 5.42 -14.46
C ASN A 408 13.65 6.89 -14.67
N GLN A 409 14.63 7.78 -14.55
CA GLN A 409 14.42 9.21 -14.71
C GLN A 409 13.75 9.69 -16.01
N ASP A 410 13.90 8.93 -17.08
CA ASP A 410 13.27 9.29 -18.35
C ASP A 410 12.08 8.40 -18.65
N LYS A 411 11.80 7.43 -17.77
CA LYS A 411 10.67 6.51 -17.95
C LYS A 411 10.09 6.12 -16.58
N MET A 412 9.34 7.03 -15.96
CA MET A 412 8.85 6.81 -14.60
C MET A 412 7.58 6.00 -14.31
N VAL A 413 6.45 6.37 -14.88
CA VAL A 413 5.22 5.63 -14.65
C VAL A 413 4.59 5.21 -15.98
N THR A 414 4.28 3.93 -16.10
CA THR A 414 3.69 3.38 -17.31
C THR A 414 2.34 4.01 -17.65
N SER A 415 2.06 4.09 -18.96
CA SER A 415 0.80 4.65 -19.46
C SER A 415 -0.40 3.82 -18.98
N GLU A 416 -0.15 2.58 -18.58
CA GLU A 416 -1.23 1.75 -18.08
C GLU A 416 -1.82 2.43 -16.84
N LEU A 417 -0.98 3.15 -16.11
CA LEU A 417 -1.42 3.85 -14.91
C LEU A 417 -1.54 5.35 -15.15
N ARG A 418 -0.77 5.86 -16.09
CA ARG A 418 -0.77 7.30 -16.36
C ARG A 418 -1.93 7.83 -17.22
N ASN A 419 -2.59 6.96 -17.98
CA ASN A 419 -3.70 7.42 -18.84
C ASN A 419 -4.91 6.52 -18.82
N LYS A 420 -4.75 5.29 -18.36
CA LYS A 420 -5.86 4.35 -18.37
C LYS A 420 -6.26 3.77 -17.01
N LEU A 421 -5.95 4.49 -15.93
CA LEU A 421 -6.30 4.02 -14.60
C LEU A 421 -7.80 4.03 -14.39
N PHE A 422 -8.33 3.03 -13.74
CA PHE A 422 -9.78 2.95 -13.48
C PHE A 422 -10.13 3.31 -12.04
N GLN A 423 -11.17 4.14 -11.84
CA GLN A 423 -11.70 4.56 -10.49
C GLN A 423 -13.04 3.86 -10.20
N PRO A 424 -13.38 3.59 -8.87
CA PRO A 424 -14.64 2.83 -8.52
C PRO A 424 -15.87 3.48 -9.03
N THR A 425 -15.87 4.61 -8.44
CA THR A 425 -16.86 5.60 -8.57
C THR A 425 -17.11 6.05 -10.00
N HIS A 426 -16.13 5.88 -10.90
CA HIS A 426 -16.31 6.39 -12.27
C HIS A 426 -16.44 5.27 -13.31
N LYS A 427 -16.80 5.66 -14.53
CA LYS A 427 -17.02 4.69 -15.61
C LYS A 427 -15.96 4.51 -16.70
N ILE A 428 -14.81 5.15 -16.59
CA ILE A 428 -13.82 5.01 -17.65
C ILE A 428 -12.43 4.60 -17.20
N HIS A 429 -11.67 4.07 -18.15
CA HIS A 429 -10.29 3.70 -17.90
C HIS A 429 -9.50 4.87 -18.47
N GLY A 430 -9.57 6.01 -17.79
CA GLY A 430 -8.87 7.19 -18.26
C GLY A 430 -8.28 8.11 -17.22
N PHE A 431 -7.99 7.59 -16.04
CA PHE A 431 -7.42 8.43 -14.99
C PHE A 431 -5.90 8.41 -15.02
N ASP A 432 -5.29 9.33 -14.27
CA ASP A 432 -3.83 9.45 -14.21
C ASP A 432 -3.36 9.34 -12.76
N LEU A 433 -2.79 8.19 -12.41
CA LEU A 433 -2.31 7.97 -11.05
C LEU A 433 -1.19 8.95 -10.65
N ALA A 434 -0.37 9.35 -11.63
CA ALA A 434 0.71 10.29 -11.37
C ALA A 434 0.17 11.66 -11.02
N ALA A 435 -0.87 12.08 -11.74
CA ALA A 435 -1.50 13.37 -11.51
C ALA A 435 -2.30 13.35 -10.21
N ILE A 436 -2.91 12.22 -9.91
CA ILE A 436 -3.67 12.08 -8.67
C ILE A 436 -2.66 12.26 -7.52
N ASN A 437 -1.54 11.53 -7.58
CA ASN A 437 -0.53 11.61 -6.55
C ASN A 437 -0.12 13.05 -6.27
N LEU A 438 0.23 13.80 -7.31
CA LEU A 438 0.66 15.18 -7.14
C LEU A 438 -0.47 16.03 -6.58
N GLN A 439 -1.69 15.74 -7.02
CA GLN A 439 -2.85 16.48 -6.57
C GLN A 439 -3.09 16.18 -5.09
N ARG A 440 -2.80 14.95 -4.70
CA ARG A 440 -2.98 14.54 -3.31
C ARG A 440 -1.94 15.16 -2.38
N CYS A 441 -0.75 15.44 -2.90
CA CYS A 441 0.30 16.06 -2.10
C CYS A 441 -0.17 17.42 -1.61
N ARG A 442 -0.80 18.16 -2.51
CA ARG A 442 -1.32 19.49 -2.23
C ARG A 442 -2.54 19.42 -1.30
N ASP A 443 -3.41 18.46 -1.58
CA ASP A 443 -4.61 18.24 -0.76
C ASP A 443 -4.18 18.02 0.71
N HIS A 444 -3.11 17.26 0.88
CA HIS A 444 -2.58 16.95 2.20
C HIS A 444 -1.67 18.00 2.81
N GLY A 445 -1.52 19.13 2.12
CA GLY A 445 -0.68 20.20 2.61
C GLY A 445 0.78 19.85 2.86
N MET A 446 1.40 19.16 1.92
CA MET A 446 2.80 18.77 2.06
C MET A 446 3.81 19.90 1.84
N PRO A 447 4.87 19.92 2.65
CA PRO A 447 5.88 20.97 2.46
C PRO A 447 6.61 20.60 1.16
N GLY A 448 7.29 21.57 0.56
CA GLY A 448 8.00 21.30 -0.68
C GLY A 448 9.20 20.39 -0.53
N TYR A 449 9.79 20.03 -1.66
CA TYR A 449 10.95 19.14 -1.73
C TYR A 449 12.09 19.57 -0.82
N ASN A 450 12.44 20.87 -0.86
CA ASN A 450 13.53 21.36 -0.04
C ASN A 450 13.29 21.37 1.46
N SER A 451 12.04 21.40 1.88
CA SER A 451 11.74 21.35 3.30
C SER A 451 12.12 19.94 3.81
N TRP A 452 11.84 18.93 2.99
CA TRP A 452 12.15 17.56 3.36
C TRP A 452 13.64 17.21 3.25
N ARG A 453 14.36 17.86 2.33
CA ARG A 453 15.80 17.63 2.20
C ARG A 453 16.43 18.15 3.51
N GLY A 454 16.03 19.37 3.90
CA GLY A 454 16.53 19.96 5.12
C GLY A 454 16.22 19.03 6.29
N PHE A 455 14.97 18.60 6.38
CA PHE A 455 14.54 17.68 7.44
C PHE A 455 15.44 16.44 7.54
N CYS A 456 15.89 15.93 6.40
CA CYS A 456 16.74 14.75 6.36
C CYS A 456 18.22 15.11 6.37
N GLY A 457 18.52 16.39 6.57
CA GLY A 457 19.89 16.82 6.60
C GLY A 457 20.63 16.63 5.28
N LEU A 458 19.99 17.01 4.17
CA LEU A 458 20.61 16.90 2.86
C LEU A 458 20.63 18.30 2.27
N SER A 459 21.57 18.56 1.38
CA SER A 459 21.66 19.87 0.75
C SER A 459 20.33 20.27 0.16
N GLN A 460 20.14 21.56 -0.03
CA GLN A 460 18.90 22.09 -0.59
C GLN A 460 19.23 22.99 -1.77
N PRO A 461 19.09 22.47 -3.00
CA PRO A 461 19.39 23.26 -4.18
C PRO A 461 18.41 24.42 -4.39
N LYS A 462 18.94 25.57 -4.79
CA LYS A 462 18.10 26.73 -5.05
C LYS A 462 18.21 27.10 -6.53
N THR A 463 19.27 26.62 -7.17
CA THR A 463 19.51 26.93 -8.57
C THR A 463 19.43 25.71 -9.49
N LEU A 464 19.24 25.98 -10.78
CA LEU A 464 19.18 24.95 -11.80
C LEU A 464 20.44 24.10 -11.63
N LYS A 465 21.59 24.76 -11.61
CA LYS A 465 22.86 24.06 -11.47
C LYS A 465 22.90 23.21 -10.21
N GLY A 466 22.22 23.69 -9.17
CA GLY A 466 22.18 22.93 -7.92
C GLY A 466 21.36 21.66 -8.08
N LEU A 467 20.21 21.80 -8.72
CA LEU A 467 19.32 20.66 -8.94
C LEU A 467 19.94 19.62 -9.87
N GLN A 468 20.66 20.09 -10.89
CA GLN A 468 21.30 19.19 -11.84
C GLN A 468 22.23 18.24 -11.11
N THR A 469 23.00 18.81 -10.18
CA THR A 469 23.97 18.06 -9.42
C THR A 469 23.31 17.04 -8.50
N VAL A 470 22.22 17.43 -7.85
CA VAL A 470 21.51 16.50 -6.96
C VAL A 470 20.83 15.40 -7.78
N LEU A 471 20.13 15.77 -8.84
CA LEU A 471 19.45 14.79 -9.67
C LEU A 471 20.46 14.08 -10.57
N LYS A 472 21.65 14.67 -10.69
CA LYS A 472 22.69 14.15 -11.55
C LYS A 472 22.11 13.91 -12.95
N ASN A 473 21.28 14.84 -13.40
CA ASN A 473 20.62 14.75 -14.69
C ASN A 473 20.23 16.16 -15.19
N LYS A 474 20.96 16.66 -16.17
CA LYS A 474 20.70 17.99 -16.71
C LYS A 474 19.28 18.22 -17.22
N ILE A 475 18.82 17.33 -18.08
CA ILE A 475 17.51 17.44 -18.70
C ILE A 475 16.32 17.40 -17.75
N LEU A 476 16.29 16.42 -16.84
CA LEU A 476 15.17 16.34 -15.90
C LEU A 476 15.19 17.57 -15.00
N ALA A 477 16.37 17.90 -14.48
CA ALA A 477 16.49 19.07 -13.62
C ALA A 477 15.90 20.27 -14.37
N LYS A 478 16.12 20.28 -15.68
CA LYS A 478 15.64 21.35 -16.54
C LYS A 478 14.11 21.40 -16.64
N LYS A 479 13.50 20.25 -16.97
CA LYS A 479 12.04 20.20 -17.08
C LYS A 479 11.41 20.61 -15.76
N LEU A 480 11.99 20.13 -14.67
CA LEU A 480 11.51 20.41 -13.32
C LEU A 480 11.58 21.90 -12.96
N MET A 481 12.61 22.61 -13.43
CA MET A 481 12.73 24.04 -13.13
C MET A 481 11.77 24.88 -13.97
N ASP A 482 11.60 24.52 -15.24
CA ASP A 482 10.69 25.26 -16.10
C ASP A 482 9.26 25.19 -15.58
N LEU A 483 8.91 24.08 -14.95
CA LEU A 483 7.57 23.90 -14.40
C LEU A 483 7.38 24.42 -12.99
N TYR A 484 8.44 24.36 -12.19
CA TYR A 484 8.31 24.79 -10.78
C TYR A 484 9.00 26.10 -10.42
N LYS A 485 9.89 26.59 -11.27
CA LYS A 485 10.57 27.90 -11.02
C LYS A 485 11.37 27.96 -9.75
N THR A 486 11.27 26.95 -8.92
CA THR A 486 12.12 26.90 -7.75
C THR A 486 12.06 25.53 -7.14
N PRO A 487 13.22 24.95 -6.77
CA PRO A 487 13.20 23.62 -6.16
C PRO A 487 12.37 23.57 -4.86
N ASP A 488 12.03 24.73 -4.31
CA ASP A 488 11.25 24.78 -3.07
C ASP A 488 9.80 24.43 -3.31
N ASN A 489 9.39 24.46 -4.57
CA ASN A 489 8.01 24.18 -4.93
C ASN A 489 7.76 22.77 -5.47
N ILE A 490 8.82 22.04 -5.81
CA ILE A 490 8.69 20.68 -6.33
C ILE A 490 8.00 19.80 -5.29
N ASP A 491 6.88 19.21 -5.69
CA ASP A 491 6.09 18.35 -4.81
C ASP A 491 6.98 17.20 -4.32
N ILE A 492 6.81 16.81 -3.06
CA ILE A 492 7.64 15.74 -2.49
C ILE A 492 7.61 14.44 -3.29
N TRP A 493 6.45 14.05 -3.81
CA TRP A 493 6.32 12.81 -4.57
C TRP A 493 7.24 12.67 -5.79
N ILE A 494 7.26 13.69 -6.64
CA ILE A 494 8.11 13.62 -7.81
C ILE A 494 9.53 14.03 -7.42
N GLY A 495 9.66 15.00 -6.53
CA GLY A 495 10.99 15.42 -6.11
C GLY A 495 11.76 14.24 -5.55
N GLY A 496 11.14 13.52 -4.62
CA GLY A 496 11.79 12.36 -4.03
C GLY A 496 12.05 11.22 -5.00
N ASN A 497 11.15 10.99 -5.96
CA ASN A 497 11.32 9.89 -6.90
C ASN A 497 12.27 10.17 -8.08
N ALA A 498 12.68 11.42 -8.24
CA ALA A 498 13.58 11.78 -9.33
C ALA A 498 15.06 11.64 -8.98
N GLU A 499 15.37 11.34 -7.72
CA GLU A 499 16.76 11.21 -7.30
C GLU A 499 17.38 9.87 -7.70
N PRO A 500 18.70 9.84 -7.90
CA PRO A 500 19.28 8.55 -8.27
C PRO A 500 19.16 7.59 -7.08
N MET A 501 19.13 6.30 -7.35
CA MET A 501 19.03 5.29 -6.30
C MET A 501 20.34 5.09 -5.57
N VAL A 502 20.25 4.80 -4.27
CA VAL A 502 21.42 4.55 -3.46
C VAL A 502 22.00 3.17 -3.82
N GLU A 503 23.20 2.91 -3.36
CA GLU A 503 23.87 1.65 -3.60
C GLU A 503 23.01 0.47 -3.13
N ARG A 504 22.79 -0.50 -4.02
CA ARG A 504 21.99 -1.68 -3.71
C ARG A 504 20.54 -1.40 -3.30
N GLY A 505 20.05 -0.19 -3.54
CA GLY A 505 18.69 0.14 -3.16
C GLY A 505 17.78 0.38 -4.34
N ARG A 506 16.56 0.84 -4.07
CA ARG A 506 15.63 1.09 -5.15
C ARG A 506 14.96 2.44 -4.95
N VAL A 507 15.51 3.19 -3.98
CA VAL A 507 15.04 4.53 -3.69
C VAL A 507 16.26 5.42 -3.46
N GLY A 508 16.08 6.74 -3.56
CA GLY A 508 17.20 7.63 -3.35
C GLY A 508 17.37 8.03 -1.89
N PRO A 509 18.31 8.95 -1.60
CA PRO A 509 18.64 9.47 -0.27
C PRO A 509 17.45 10.06 0.52
N LEU A 510 16.68 10.94 -0.12
CA LEU A 510 15.55 11.56 0.55
C LEU A 510 14.53 10.51 0.95
N LEU A 511 14.14 9.67 0.00
CA LEU A 511 13.17 8.62 0.30
C LEU A 511 13.69 7.62 1.34
N ALA A 512 14.94 7.19 1.20
CA ALA A 512 15.53 6.25 2.16
C ALA A 512 15.39 6.82 3.57
N CYS A 513 15.60 8.14 3.70
CA CYS A 513 15.46 8.80 5.00
C CYS A 513 14.00 8.72 5.42
N LEU A 514 13.10 9.21 4.58
CA LEU A 514 11.69 9.19 4.91
C LEU A 514 11.18 7.77 5.19
N LEU A 515 11.52 6.80 4.35
CA LEU A 515 11.08 5.42 4.57
C LEU A 515 11.73 4.84 5.84
N GLY A 516 13.04 4.98 5.93
CA GLY A 516 13.79 4.49 7.07
C GLY A 516 13.31 4.93 8.44
N ARG A 517 13.02 6.22 8.62
CA ARG A 517 12.55 6.68 9.92
C ARG A 517 11.20 6.08 10.30
N GLN A 518 10.32 5.94 9.31
CA GLN A 518 8.98 5.42 9.55
C GLN A 518 8.98 3.97 10.00
N PHE A 519 9.79 3.14 9.35
CA PHE A 519 9.86 1.74 9.70
C PHE A 519 10.55 1.50 11.04
N GLN A 520 11.56 2.32 11.35
CA GLN A 520 12.27 2.22 12.61
C GLN A 520 11.27 2.45 13.73
N GLN A 521 10.41 3.43 13.53
CA GLN A 521 9.41 3.77 14.51
C GLN A 521 8.30 2.72 14.69
N ILE A 522 7.73 2.22 13.60
CA ILE A 522 6.66 1.24 13.74
C ILE A 522 7.20 -0.04 14.35
N ARG A 523 8.52 -0.23 14.28
CA ARG A 523 9.13 -1.40 14.89
C ARG A 523 9.39 -1.16 16.38
N ASP A 524 10.14 -0.12 16.69
CA ASP A 524 10.48 0.18 18.08
C ASP A 524 9.30 0.57 19.00
N GLY A 525 8.23 1.08 18.41
CA GLY A 525 7.08 1.48 19.20
C GLY A 525 5.93 0.51 19.16
N ASP A 526 6.20 -0.72 18.72
CA ASP A 526 5.18 -1.77 18.63
C ASP A 526 5.39 -2.74 19.78
N ARG A 527 4.53 -2.65 20.80
CA ARG A 527 4.64 -3.53 21.97
C ARG A 527 4.55 -4.99 21.56
N PHE A 528 3.92 -5.22 20.42
CA PHE A 528 3.76 -6.58 19.92
C PHE A 528 4.75 -6.98 18.83
N TRP A 529 5.84 -6.23 18.69
CA TRP A 529 6.85 -6.60 17.69
C TRP A 529 7.26 -8.04 17.98
N TRP A 530 7.30 -8.86 16.93
CA TRP A 530 7.63 -10.29 17.07
C TRP A 530 8.91 -10.64 17.83
N GLU A 531 9.89 -9.73 17.85
CA GLU A 531 11.14 -9.98 18.56
C GLU A 531 11.11 -9.43 19.97
N ASN A 532 9.96 -8.93 20.39
CA ASN A 532 9.88 -8.38 21.73
C ASN A 532 9.67 -9.48 22.76
N PRO A 533 10.70 -9.73 23.59
CA PRO A 533 10.65 -10.74 24.64
C PRO A 533 9.31 -10.78 25.36
N GLY A 534 8.69 -11.97 25.40
CA GLY A 534 7.41 -12.11 26.07
C GLY A 534 6.23 -12.25 25.14
N VAL A 535 6.37 -11.76 23.91
CA VAL A 535 5.31 -11.84 22.92
C VAL A 535 5.25 -13.26 22.41
N PHE A 536 6.42 -13.78 22.05
CA PHE A 536 6.58 -15.15 21.58
C PHE A 536 7.69 -15.73 22.45
N THR A 537 7.70 -17.05 22.63
CA THR A 537 8.75 -17.68 23.43
C THR A 537 10.00 -17.88 22.58
N GLU A 538 11.15 -18.02 23.21
CA GLU A 538 12.40 -18.24 22.48
C GLU A 538 12.22 -19.35 21.42
N LYS A 539 11.56 -20.44 21.79
CA LYS A 539 11.36 -21.55 20.86
C LYS A 539 10.40 -21.26 19.71
N GLN A 540 9.52 -20.29 19.89
CA GLN A 540 8.59 -19.92 18.84
C GLN A 540 9.27 -19.01 17.82
N ARG A 541 10.25 -18.24 18.29
CA ARG A 541 11.01 -17.33 17.45
C ARG A 541 12.00 -18.08 16.57
N ASP A 542 12.53 -19.19 17.08
CA ASP A 542 13.48 -19.98 16.30
C ASP A 542 12.71 -20.59 15.14
N SER A 543 11.44 -20.87 15.38
CA SER A 543 10.57 -21.45 14.36
C SER A 543 10.18 -20.40 13.29
N LEU A 544 9.78 -19.22 13.75
CA LEU A 544 9.36 -18.14 12.86
C LEU A 544 10.42 -17.63 11.88
N GLN A 545 11.70 -17.92 12.16
CA GLN A 545 12.78 -17.44 11.31
C GLN A 545 12.91 -18.19 9.99
N LYS A 546 12.31 -19.36 9.91
CA LYS A 546 12.40 -20.15 8.70
C LYS A 546 11.27 -19.83 7.71
N VAL A 547 10.39 -18.92 8.11
CA VAL A 547 9.30 -18.52 7.24
C VAL A 547 9.90 -17.99 5.95
N SER A 548 9.25 -18.31 4.84
CA SER A 548 9.71 -17.87 3.52
C SER A 548 8.48 -17.63 2.68
N PHE A 549 8.56 -16.68 1.75
CA PHE A 549 7.39 -16.44 0.92
C PHE A 549 7.25 -17.64 -0.02
N SER A 550 8.39 -18.24 -0.33
CA SER A 550 8.42 -19.43 -1.18
C SER A 550 7.56 -20.50 -0.53
N ARG A 551 7.77 -20.70 0.77
CA ARG A 551 7.01 -21.69 1.53
C ARG A 551 5.53 -21.33 1.56
N LEU A 552 5.23 -20.06 1.85
CA LEU A 552 3.85 -19.60 1.89
C LEU A 552 3.17 -20.08 0.63
N ILE A 553 3.90 -19.99 -0.48
CA ILE A 553 3.43 -20.40 -1.78
C ILE A 553 3.14 -21.90 -1.81
N CYS A 554 4.17 -22.69 -1.51
CA CYS A 554 4.05 -24.14 -1.52
C CYS A 554 2.84 -24.69 -0.76
N ASP A 555 2.57 -24.14 0.42
CA ASP A 555 1.48 -24.66 1.23
C ASP A 555 0.09 -24.19 0.83
N ASN A 556 -0.01 -23.19 -0.03
CA ASN A 556 -1.32 -22.66 -0.38
C ASN A 556 -1.66 -22.58 -1.86
N THR A 557 -0.93 -23.34 -2.67
CA THR A 557 -1.19 -23.39 -4.10
C THR A 557 -0.73 -24.77 -4.54
N HIS A 558 -0.89 -25.06 -5.83
CA HIS A 558 -0.47 -26.35 -6.38
C HIS A 558 0.79 -26.15 -7.18
N ILE A 559 1.61 -25.23 -6.72
CA ILE A 559 2.89 -24.93 -7.34
C ILE A 559 3.90 -25.76 -6.55
N THR A 560 4.70 -26.53 -7.26
CA THR A 560 5.70 -27.38 -6.63
C THR A 560 7.11 -26.88 -6.90
N LYS A 561 7.22 -25.92 -7.81
CA LYS A 561 8.51 -25.33 -8.17
C LYS A 561 8.54 -23.85 -7.75
N VAL A 562 9.46 -23.48 -6.87
CA VAL A 562 9.54 -22.10 -6.43
C VAL A 562 10.97 -21.65 -6.22
N PRO A 563 11.23 -20.33 -6.35
CA PRO A 563 12.58 -19.81 -6.16
C PRO A 563 12.86 -19.84 -4.66
N LEU A 564 14.12 -19.78 -4.27
CA LEU A 564 14.43 -19.81 -2.85
C LEU A 564 14.35 -18.39 -2.29
N HIS A 565 14.72 -17.43 -3.12
CA HIS A 565 14.69 -16.02 -2.75
C HIS A 565 13.75 -15.37 -3.75
N ALA A 566 12.46 -15.46 -3.46
CA ALA A 566 11.43 -14.94 -4.35
C ALA A 566 11.43 -13.46 -4.72
N PHE A 567 12.26 -12.64 -4.09
CA PHE A 567 12.30 -11.21 -4.42
C PHE A 567 13.33 -10.86 -5.48
N GLN A 568 14.40 -11.62 -5.55
CA GLN A 568 15.40 -11.32 -6.57
C GLN A 568 14.83 -11.89 -7.85
N ALA A 569 15.41 -11.53 -8.99
CA ALA A 569 14.95 -12.04 -10.26
C ALA A 569 15.45 -13.47 -10.45
N ASN A 570 14.53 -14.39 -10.74
CA ASN A 570 14.88 -15.79 -10.94
C ASN A 570 14.45 -16.38 -12.28
N ASN A 571 15.31 -17.19 -12.87
CA ASN A 571 14.99 -17.81 -14.16
C ASN A 571 14.50 -19.24 -13.99
N TYR A 572 13.41 -19.56 -14.64
CA TYR A 572 12.92 -20.92 -14.59
C TYR A 572 13.71 -21.66 -15.68
N PRO A 573 14.16 -22.89 -15.42
CA PRO A 573 14.03 -23.70 -14.20
C PRO A 573 15.25 -23.66 -13.28
N HIS A 574 16.36 -23.15 -13.80
CA HIS A 574 17.61 -23.09 -13.05
C HIS A 574 17.49 -22.58 -11.61
N ASP A 575 16.77 -21.48 -11.41
CA ASP A 575 16.61 -20.90 -10.08
C ASP A 575 15.35 -21.35 -9.34
N PHE A 576 14.73 -22.43 -9.78
CA PHE A 576 13.53 -22.94 -9.12
C PHE A 576 13.83 -24.33 -8.57
N VAL A 577 13.18 -24.69 -7.47
CA VAL A 577 13.39 -26.00 -6.85
C VAL A 577 12.09 -26.55 -6.30
N ASP A 578 12.05 -27.87 -6.14
CA ASP A 578 10.86 -28.54 -5.63
C ASP A 578 10.52 -28.12 -4.21
N CYS A 579 9.23 -27.90 -3.97
CA CYS A 579 8.75 -27.49 -2.68
C CYS A 579 9.20 -28.42 -1.56
N SER A 580 9.41 -29.68 -1.90
CA SER A 580 9.85 -30.68 -0.93
C SER A 580 11.15 -30.30 -0.26
N THR A 581 11.85 -29.31 -0.82
CA THR A 581 13.14 -28.89 -0.30
C THR A 581 13.11 -27.62 0.53
N VAL A 582 11.94 -26.99 0.61
CA VAL A 582 11.83 -25.73 1.34
C VAL A 582 11.39 -25.82 2.80
N ASP A 583 12.18 -25.21 3.68
CA ASP A 583 11.90 -25.16 5.12
C ASP A 583 10.41 -24.93 5.36
N LYS A 584 9.86 -25.59 6.37
CA LYS A 584 8.46 -25.41 6.70
C LYS A 584 8.40 -24.78 8.09
N LEU A 585 7.30 -24.11 8.38
CA LEU A 585 7.13 -23.48 9.68
C LEU A 585 6.79 -24.60 10.65
N ASP A 586 7.56 -24.73 11.72
CA ASP A 586 7.30 -25.77 12.71
C ASP A 586 6.41 -25.22 13.81
N LEU A 587 5.22 -25.78 13.92
CA LEU A 587 4.26 -25.34 14.93
C LEU A 587 4.27 -26.08 16.24
N SER A 588 4.91 -27.25 16.28
CA SER A 588 4.96 -28.02 17.53
C SER A 588 5.32 -27.13 18.72
N PRO A 589 6.11 -26.06 18.50
CA PRO A 589 6.46 -25.19 19.62
C PRO A 589 5.25 -24.44 20.18
N TRP A 590 4.12 -24.55 19.52
CA TRP A 590 2.90 -23.88 19.96
C TRP A 590 1.99 -24.82 20.75
N ALA A 591 2.43 -26.07 20.90
CA ALA A 591 1.66 -27.08 21.64
C ALA A 591 1.65 -26.81 23.14
N SER A 592 0.47 -26.65 23.75
CA SER A 592 0.34 -26.38 25.20
C SER A 592 -0.37 -27.50 26.01
N ARG A 593 0.47 -28.35 26.67
CA ARG A 593 0.01 -29.50 27.52
C ARG A 593 -0.65 -29.08 28.85
N GLU A 594 -1.12 -30.07 29.59
CA GLU A 594 -1.86 -29.90 30.82
C GLU A 594 -1.52 -30.99 31.88
N ASN A 595 -1.90 -30.75 33.14
CA ASN A 595 -1.64 -31.69 34.23
C ASN A 595 -0.17 -31.97 34.46
C1 NAG B . 20.39 -9.40 -6.90
C2 NAG B . 21.91 -9.32 -6.99
C3 NAG B . 22.56 -10.23 -5.94
C4 NAG B . 22.02 -9.95 -4.53
C5 NAG B . 20.47 -9.88 -4.53
C6 NAG B . 19.97 -9.27 -3.23
C7 NAG B . 23.22 -8.90 -8.96
C8 NAG B . 23.66 -9.36 -10.34
N2 NAG B . 22.36 -9.69 -8.31
O3 NAG B . 23.97 -10.03 -5.94
O4 NAG B . 22.47 -11.01 -3.65
O5 NAG B . 19.98 -9.02 -5.58
O6 NAG B . 20.10 -7.86 -3.24
O7 NAG B . 23.67 -7.86 -8.48
C1 NAG B . 22.68 -10.69 -2.32
C2 NAG B . 22.44 -11.94 -1.44
C3 NAG B . 23.70 -12.35 -0.65
C4 NAG B . 24.33 -11.15 0.10
C5 NAG B . 24.32 -9.88 -0.79
C6 NAG B . 25.61 -9.10 -0.76
C7 NAG B . 20.30 -12.50 -0.47
C8 NAG B . 19.21 -12.18 0.54
N2 NAG B . 21.36 -11.69 -0.51
O3 NAG B . 24.65 -12.91 -1.55
O4 NAG B . 23.60 -10.87 1.31
O5 NAG B . 24.02 -10.21 -2.16
O6 NAG B . 25.77 -8.43 0.49
O7 NAG B . 20.17 -13.46 -1.23
C1 MAN B . 23.68 -11.70 2.45
C2 MAN B . 23.18 -10.88 3.66
C3 MAN B . 23.97 -11.21 4.92
C4 MAN B . 24.29 -12.70 4.94
C5 MAN B . 25.23 -13.04 3.78
C6 MAN B . 25.04 -14.45 3.26
O2 MAN B . 21.80 -11.13 3.87
O3 MAN B . 23.21 -10.84 6.07
O4 MAN B . 24.88 -13.05 6.18
O5 MAN B . 25.04 -12.12 2.65
O6 MAN B . 26.25 -14.98 2.74
C1 NAG C . -17.28 -22.18 7.94
C2 NAG C . -17.65 -22.15 6.45
C3 NAG C . -18.32 -23.46 5.97
C4 NAG C . -17.60 -24.71 6.52
C5 NAG C . -17.37 -24.57 8.02
C6 NAG C . -16.63 -25.74 8.62
C7 NAG C . -18.17 -20.01 5.46
C8 NAG C . -19.19 -18.90 5.23
N2 NAG C . -18.56 -21.05 6.20
O3 NAG C . -18.29 -23.49 4.56
O4 NAG C . -18.44 -25.86 6.29
O5 NAG C . -16.58 -23.39 8.27
O6 NAG C . -15.29 -25.79 8.16
O7 NAG C . -17.05 -19.93 4.96
C1 NAG C . -17.92 -26.87 5.50
C2 NAG C . -18.79 -28.12 5.65
C3 NAG C . -18.83 -28.98 4.38
C4 NAG C . -17.59 -28.80 3.51
C5 NAG C . -17.26 -27.31 3.24
C6 NAG C . -17.66 -26.89 1.83
C7 NAG C . -18.85 -28.74 7.98
C8 NAG C . -18.29 -29.60 9.11
N2 NAG C . -18.31 -28.91 6.77
O3 NAG C . -19.99 -28.66 3.62
O4 NAG C . -16.47 -29.42 4.14
O5 NAG C . -17.96 -26.43 4.14
O6 NAG C . -18.94 -26.26 1.84
O7 NAG C . -19.76 -27.94 8.21
C1 NAG D . -16.32 -11.32 -19.92
C2 NAG D . -15.37 -11.14 -21.12
C3 NAG D . -15.53 -12.28 -22.11
C4 NAG D . -15.34 -13.62 -21.40
C5 NAG D . -16.32 -13.70 -20.22
C6 NAG D . -16.16 -14.97 -19.41
C7 NAG D . -14.76 -8.89 -21.76
C8 NAG D . -15.11 -7.62 -22.51
N2 NAG D . -15.65 -9.88 -21.79
O3 NAG D . -14.57 -12.15 -23.14
O4 NAG D . -15.58 -14.68 -22.35
O5 NAG D . -16.10 -12.60 -19.32
O6 NAG D . -17.08 -15.01 -18.34
O7 NAG D . -13.70 -8.96 -21.13
C1 NAG D . -15.08 -15.92 -22.00
C2 NAG D . -15.99 -17.01 -22.52
C3 NAG D . -15.19 -18.30 -22.47
C4 NAG D . -14.18 -18.22 -23.61
C5 NAG D . -13.57 -16.81 -23.73
C6 NAG D . -14.14 -15.98 -24.87
C7 NAG D . -18.30 -16.45 -22.17
C8 NAG D . -19.55 -16.54 -21.31
N2 NAG D . -17.20 -17.08 -21.75
O3 NAG D . -16.06 -19.41 -22.64
O4 NAG D . -13.15 -19.22 -23.44
O5 NAG D . -13.72 -16.04 -22.49
O6 NAG D . -13.18 -15.10 -25.42
O7 NAG D . -18.32 -15.79 -23.21
C1 MAN D . -12.53 -19.73 -24.59
C2 MAN D . -13.43 -19.54 -25.84
C3 MAN D . -13.32 -20.68 -26.87
C4 MAN D . -13.45 -22.06 -26.22
C5 MAN D . -13.34 -21.99 -24.70
C6 MAN D . -13.10 -23.34 -24.07
O2 MAN D . -13.07 -18.31 -26.47
O3 MAN D . -12.09 -20.58 -27.57
O4 MAN D . -14.69 -22.64 -26.59
O5 MAN D . -12.25 -21.13 -24.33
O6 MAN D . -14.31 -24.07 -23.93
C1 NAG E . 13.94 5.51 23.14
C2 NAG E . 15.48 5.61 23.11
C3 NAG E . 15.98 7.09 23.13
C4 NAG E . 15.18 8.04 22.23
C5 NAG E . 13.67 7.76 22.36
C6 NAG E . 12.79 8.57 21.43
C7 NAG E . 16.40 3.62 24.18
C8 NAG E . 16.96 3.00 25.45
N2 NAG E . 16.03 4.91 24.26
O3 NAG E . 17.35 7.13 22.74
O4 NAG E . 15.40 9.42 22.62
O5 NAG E . 13.39 6.36 22.12
O6 NAG E . 13.16 8.39 20.07
O7 NAG E . 16.29 2.96 23.15
C1 NAG E . 16.50 10.15 22.18
C2 NAG E . 16.03 11.64 21.97
C3 NAG E . 16.91 12.77 22.56
C4 NAG E . 17.75 12.31 23.72
C5 NAG E . 18.48 11.06 23.28
C6 NAG E . 19.50 10.64 24.32
C7 NAG E . 14.67 12.21 20.06
C8 NAG E . 14.60 12.53 18.58
N2 NAG E . 15.87 11.92 20.56
O3 NAG E . 16.08 13.85 22.98
O4 NAG E . 18.68 13.33 24.08
O5 NAG E . 17.54 9.98 23.17
O6 NAG E . 18.90 10.40 25.57
O7 NAG E . 13.65 12.23 20.74
CHA HEM F . -2.45 4.93 -3.34
CHB HEM F . -3.19 2.53 -7.37
CHC HEM F . 0.84 -0.05 -6.45
CHD HEM F . 1.73 2.50 -2.48
C1A HEM F . -3.02 4.56 -4.49
C2A HEM F . -4.19 5.16 -5.02
C3A HEM F . -4.43 4.52 -6.18
C4A HEM F . -3.38 3.47 -6.35
CMA HEM F . -5.59 4.88 -7.10
CAA HEM F . -4.99 6.33 -4.40
CBA HEM F . -4.47 7.74 -4.73
CGA HEM F . -5.16 8.79 -4.17
O1A HEM F . -4.53 9.67 -3.55
O2A HEM F . -6.41 8.88 -4.34
C1B HEM F . -2.16 1.56 -7.49
C2B HEM F . -1.97 0.56 -8.60
C3B HEM F . -0.83 -0.17 -8.30
C4B HEM F . -0.31 0.41 -7.05
CMB HEM F . -2.87 0.35 -9.83
CAB HEM F . -0.15 -1.34 -9.11
CBB HEM F . -0.63 -1.84 -10.29
C1C HEM F . 1.43 0.42 -5.34
C2C HEM F . 2.65 -0.08 -4.84
C3C HEM F . 2.96 0.67 -3.69
C4C HEM F . 1.87 1.59 -3.49
CMC HEM F . 3.47 -1.27 -5.56
CAC HEM F . 4.22 0.59 -2.76
CBC HEM F . 5.29 -0.28 -2.96
C1D HEM F . 0.65 3.37 -2.37
C2D HEM F . 0.50 4.29 -1.20
C3D HEM F . -0.81 5.03 -1.45
C4D HEM F . -1.31 4.49 -2.76
CMD HEM F . 1.45 4.45 -0.04
CAD HEM F . -1.47 6.12 -0.53
CBD HEM F . -2.26 5.31 0.55
CGD HEM F . -3.02 6.07 1.63
O1D HEM F . -4.19 6.54 1.53
O2D HEM F . -2.37 6.13 2.70
NA HEM F . -2.54 3.54 -5.29
NB HEM F . -1.12 1.41 -6.58
NC HEM F . 0.94 1.42 -4.53
ND HEM F . -0.46 3.52 -3.25
FE HEM F . -0.76 2.57 -5.00
CA CA G . -1.68 -2.12 10.11
S SCN H . -18.58 -3.87 7.19
C SCN H . -19.97 -4.47 8.27
N SCN H . -20.91 -4.82 8.94
O1 AIN I . -8.12 2.32 -8.01
C7 AIN I . -8.42 2.99 -6.89
O2 AIN I . -8.40 4.20 -6.93
C3 AIN I . -9.00 2.29 -5.65
C4 AIN I . -10.47 1.96 -5.56
C5 AIN I . -11.03 1.41 -4.39
C6 AIN I . -10.25 1.18 -3.27
C1 AIN I . -8.88 1.46 -3.28
C2 AIN I . -8.21 2.00 -4.41
O3 AIN I . -6.89 2.27 -4.42
C8 AIN I . -5.58 1.98 -3.83
O4 AIN I . -4.86 2.29 -2.90
C9 AIN I . -5.27 0.91 -4.69
I IOD J . 4.16 15.06 7.61
I IOD K . 0.87 19.25 -21.95
I IOD L . 20.98 -4.87 -6.30
I IOD M . -19.61 -15.59 -1.08
I IOD N . 13.28 -9.02 11.51
I IOD O . 4.51 -25.58 -11.19
I IOD P . 22.60 25.71 -5.17
I IOD Q . 14.62 -12.87 -1.14
#